data_8XSR
#
_entry.id   8XSR
#
_cell.length_a   1.00
_cell.length_b   1.00
_cell.length_c   1.00
_cell.angle_alpha   90.00
_cell.angle_beta   90.00
_cell.angle_gamma   90.00
#
_symmetry.space_group_name_H-M   'P 1'
#
loop_
_entity.id
_entity.type
_entity.pdbx_description
1 polymer 'Transmembrane ATP-binding protein ABC transporter'
2 polymer 'ABC transporter transmembrane region'
3 non-polymer "ADENOSINE-5'-TRIPHOSPHATE"
4 non-polymer 'MAGNESIUM ION'
5 non-polymer "ADENOSINE-5'-DIPHOSPHATE"
#
loop_
_entity_poly.entity_id
_entity_poly.type
_entity_poly.pdbx_seq_one_letter_code
_entity_poly.pdbx_strand_id
1 'polypeptide(L)'
;SYFQSNMLWALLRQYVRPYRWLLAVVAVLQVISNMASLYLPTVNAAIIDDGVAKGDTARIVELGAVMLGVTALQVVCAVG
AVFFGARAATGFGHDLRAAVFTHVTTFSAEEAGRFGAASLLTRTTNDVGHIQQLVQLTVTMLITAPIMSIGGIFMALHQD
AGLSWLLLVSVPVLGLANYWIIRHLMPVFTRMQSLIDGINRVLRDQLSGIRVIRAFAREPLERVRFAEANQTLSDSALEA
GRWQALMLPVTTLVINVSSVALIWFGGLRIDAGQMQVGSLIAFLAYFMQILMAVLMATFMLVIFPRAAVCADRIGEVLST
QTAITNPADPVRPAAIAGDIGVHDATFCYPGADRPVLQDVSFTVPRGTTTAVVGSTGSGKSTLISLICRLYDVTSGSLRI
DGVDVRDLDIEQLWSAIGLVPQRGYLFSGTVAENLRYGRADATDDEMWEALRVAAAADFVRAHPQGLDMPVAQGGINFSG
GQRQRLAIARAVIRRPAIYLFDDAFSALDVHTDARVRDALREVAADATVVIVSQRISTVIEADQVVVIDDGRVVGIGTHD
TLLADCPIYAEFAESQALTAGEPR
;
A
2 'polypeptide(L)'
;MRRGALPQAPLERTRDFKGSAIRLARRLLPQRALTLAVILLGVGGIAIGVIGPRILGHATDLLFNGVIGRELPAGLTKEQ
AVEAARARGDGTFADLLSGMDIVPGQGVDFGAVGRTLALALGLYLVAALLVWVQARLLNVTVQRTMVALRAEVQEKIHRL
PLSYFDSRQRGEVLSRVTNDVDNIQNSVSMTISQLLTSVLTVFAVLVMMLTISPLLTLFTVVTVPASLWVTRWITRRSQP
LFVAQWRNTGRLAAHLEETYSGFTIVKTFGHREAAAGKFAELNSETQQSSFGAQFFSGLVSPATMFIGNLSYVAVAVVGG
LQVATGQITLGSIQAFIQYVRQFNQPLTQVAGMYNTLQSGIASAERVFDLLDTEEESADSPRRADVRTGRVEFEHVSFSY
VPGTPVIEDLSLVAEPGSTVAIVGPTGAGKTTLVNLLMRFYDVDSGRITIDGVDIASVSRESLRASIGMVLQDTWLFAGT
IYDNIAYGRPDADEDEVIEAATAAYVDRFVHTLPNGYDTRVDDDGGAISAGEKQLITIARAVLARPKLLVLDEATSSVDT
RTELLIAHAMAELRRDRTSFIIAHRLSTIRDADLILVMDSGRIIERGTHEELLARHGRYWEMTRVHLGGIKAFHHHHHHH
HHH
;
B
#
loop_
_chem_comp.id
_chem_comp.type
_chem_comp.name
_chem_comp.formula
ADP non-polymer ADENOSINE-5'-DIPHOSPHATE 'C10 H15 N5 O10 P2'
ATP non-polymer ADENOSINE-5'-TRIPHOSPHATE 'C10 H16 N5 O13 P3'
MG non-polymer 'MAGNESIUM ION' 'Mg 2'
#
# COMPACT_ATOMS: atom_id res chain seq x y z
N SER A 5 -11.39 12.09 -11.11
CA SER A 5 -12.47 12.82 -10.46
C SER A 5 -12.18 14.32 -10.45
N ASN A 6 -12.74 15.00 -9.45
CA ASN A 6 -12.58 16.46 -9.37
C ASN A 6 -11.19 16.86 -8.91
N MET A 7 -10.60 16.10 -7.97
CA MET A 7 -9.29 16.48 -7.45
C MET A 7 -8.15 15.93 -8.28
N LEU A 8 -8.32 14.78 -8.92
CA LEU A 8 -7.32 14.30 -9.86
C LEU A 8 -7.16 15.22 -11.07
N TRP A 9 -8.21 15.93 -11.45
CA TRP A 9 -8.12 16.84 -12.58
C TRP A 9 -7.61 18.22 -12.21
N ALA A 10 -8.02 18.77 -11.07
CA ALA A 10 -7.51 20.05 -10.62
C ALA A 10 -6.04 20.00 -10.21
N LEU A 11 -5.52 18.81 -9.94
CA LEU A 11 -4.13 18.65 -9.56
C LEU A 11 -3.29 18.43 -10.81
N LEU A 12 -3.83 17.63 -11.71
CA LEU A 12 -3.17 17.30 -12.97
C LEU A 12 -3.11 18.49 -13.91
N ARG A 13 -4.02 19.44 -13.77
CA ARG A 13 -3.98 20.58 -14.67
C ARG A 13 -3.24 21.74 -14.04
N GLN A 14 -2.86 21.63 -12.77
CA GLN A 14 -2.05 22.63 -12.10
C GLN A 14 -0.57 22.29 -12.10
N TYR A 15 -0.20 21.03 -11.90
CA TYR A 15 1.21 20.70 -11.81
C TYR A 15 1.80 20.14 -13.10
N VAL A 16 0.99 19.93 -14.14
CA VAL A 16 1.53 19.55 -15.43
C VAL A 16 1.34 20.72 -16.37
N ARG A 17 1.22 21.92 -15.77
CA ARG A 17 0.99 23.16 -16.50
C ARG A 17 2.24 23.80 -17.08
N PRO A 18 3.39 23.58 -16.42
CA PRO A 18 4.65 24.13 -16.90
C PRO A 18 5.25 23.31 -18.05
N TYR A 19 4.74 22.11 -18.25
CA TYR A 19 5.23 21.23 -19.30
C TYR A 19 4.29 21.14 -20.52
N ARG A 20 3.43 22.14 -20.72
CA ARG A 20 2.55 22.14 -21.87
C ARG A 20 3.31 21.98 -23.17
N TRP A 21 4.53 22.52 -23.25
CA TRP A 21 5.28 22.46 -24.50
C TRP A 21 6.06 21.16 -24.66
N LEU A 22 6.21 20.37 -23.59
CA LEU A 22 6.65 18.99 -23.72
C LEU A 22 5.51 18.04 -24.02
N LEU A 23 4.27 18.47 -23.78
CA LEU A 23 3.11 17.68 -24.15
C LEU A 23 2.62 17.96 -25.55
N ALA A 24 2.71 19.21 -26.01
CA ALA A 24 2.43 19.55 -27.40
C ALA A 24 3.46 18.96 -28.36
N VAL A 25 4.61 18.52 -27.86
CA VAL A 25 5.57 17.79 -28.68
C VAL A 25 5.32 16.29 -28.66
N VAL A 26 4.95 15.71 -27.52
CA VAL A 26 4.56 14.31 -27.50
C VAL A 26 3.28 14.11 -28.32
N ALA A 27 2.37 15.07 -28.28
CA ALA A 27 1.11 14.96 -29.00
C ALA A 27 1.24 15.24 -30.48
N VAL A 28 2.36 15.77 -30.94
CA VAL A 28 2.64 15.90 -32.36
C VAL A 28 3.61 14.83 -32.85
N LEU A 29 4.26 14.10 -31.96
CA LEU A 29 5.03 12.93 -32.34
C LEU A 29 4.21 11.65 -32.31
N GLN A 30 3.23 11.55 -31.41
CA GLN A 30 2.30 10.42 -31.45
C GLN A 30 1.44 10.46 -32.69
N VAL A 31 1.02 11.66 -33.11
CA VAL A 31 0.27 11.79 -34.35
C VAL A 31 1.09 11.27 -35.53
N ILE A 32 2.36 11.68 -35.61
CA ILE A 32 3.19 11.24 -36.72
C ILE A 32 3.46 9.76 -36.64
N SER A 33 3.75 9.23 -35.46
CA SER A 33 4.04 7.82 -35.27
C SER A 33 2.83 6.92 -35.45
N ASN A 34 1.62 7.47 -35.36
CA ASN A 34 0.42 6.69 -35.64
C ASN A 34 -0.04 6.82 -37.08
N MET A 35 0.07 8.00 -37.68
CA MET A 35 -0.19 8.16 -39.10
C MET A 35 0.82 7.44 -39.97
N ALA A 36 2.03 7.20 -39.46
CA ALA A 36 3.02 6.40 -40.18
C ALA A 36 2.81 4.91 -40.02
N SER A 37 2.04 4.47 -39.04
CA SER A 37 1.66 3.07 -38.97
C SER A 37 0.33 2.80 -39.64
N LEU A 38 -0.51 3.84 -39.79
CA LEU A 38 -1.68 3.77 -40.66
C LEU A 38 -1.34 3.96 -42.12
N TYR A 39 -0.08 4.26 -42.44
CA TYR A 39 0.33 4.48 -43.82
C TYR A 39 1.01 3.27 -44.43
N LEU A 40 1.46 2.32 -43.62
CA LEU A 40 1.98 1.07 -44.17
C LEU A 40 0.92 0.28 -44.92
N PRO A 41 -0.32 0.11 -44.43
CA PRO A 41 -1.33 -0.53 -45.27
C PRO A 41 -1.76 0.30 -46.47
N THR A 42 -1.55 1.61 -46.47
CA THR A 42 -1.86 2.38 -47.68
C THR A 42 -0.85 2.08 -48.78
N VAL A 43 0.44 2.06 -48.46
CA VAL A 43 1.44 1.68 -49.44
C VAL A 43 1.35 0.20 -49.77
N ASN A 44 0.80 -0.62 -48.88
CA ASN A 44 0.51 -2.01 -49.25
C ASN A 44 -0.64 -2.07 -50.25
N ALA A 45 -1.65 -1.23 -50.07
CA ALA A 45 -2.72 -1.11 -51.05
C ALA A 45 -2.19 -0.62 -52.38
N ALA A 46 -1.21 0.27 -52.37
CA ALA A 46 -0.55 0.70 -53.59
C ALA A 46 0.25 -0.41 -54.24
N ILE A 47 0.85 -1.29 -53.43
CA ILE A 47 1.50 -2.49 -53.97
C ILE A 47 0.47 -3.38 -54.66
N ILE A 48 -0.68 -3.59 -54.02
CA ILE A 48 -1.72 -4.47 -54.54
C ILE A 48 -2.30 -3.90 -55.81
N ASP A 49 -2.28 -2.60 -55.96
CA ASP A 49 -2.97 -1.97 -57.09
C ASP A 49 -2.05 -1.58 -58.23
N ASP A 50 -0.87 -1.04 -57.93
CA ASP A 50 0.11 -0.70 -58.97
C ASP A 50 1.10 -1.81 -59.23
N GLY A 51 1.17 -2.80 -58.35
CA GLY A 51 2.02 -3.96 -58.49
C GLY A 51 1.24 -5.17 -58.96
N VAL A 52 0.79 -5.98 -58.00
CA VAL A 52 0.04 -7.21 -58.25
C VAL A 52 -0.97 -7.07 -59.38
N ALA A 53 -1.80 -6.02 -59.32
CA ALA A 53 -2.84 -5.85 -60.32
C ALA A 53 -2.29 -5.58 -61.71
N LYS A 54 -1.02 -5.20 -61.82
CA LYS A 54 -0.33 -5.09 -63.09
C LYS A 54 0.67 -6.22 -63.18
N GLY A 55 1.50 -6.26 -64.22
CA GLY A 55 2.64 -7.15 -64.12
C GLY A 55 3.66 -6.52 -63.19
N ASP A 56 4.28 -5.44 -63.69
CA ASP A 56 4.95 -4.39 -62.93
C ASP A 56 5.61 -4.88 -61.64
N THR A 57 6.56 -5.81 -61.78
CA THR A 57 7.18 -6.42 -60.60
C THR A 57 8.07 -5.43 -59.85
N ALA A 58 8.81 -4.59 -60.58
CA ALA A 58 9.74 -3.67 -59.93
C ALA A 58 9.05 -2.66 -59.04
N ARG A 59 7.78 -2.35 -59.33
CA ARG A 59 7.01 -1.40 -58.53
C ARG A 59 6.67 -1.95 -57.16
N ILE A 60 6.87 -3.23 -56.91
CA ILE A 60 6.64 -3.75 -55.56
C ILE A 60 7.86 -3.52 -54.69
N VAL A 61 9.06 -3.75 -55.19
CA VAL A 61 10.25 -3.49 -54.40
C VAL A 61 10.55 -2.00 -54.27
N GLU A 62 10.41 -1.23 -55.35
CA GLU A 62 10.67 0.20 -55.25
C GLU A 62 9.56 0.94 -54.53
N LEU A 63 8.60 0.21 -53.97
CA LEU A 63 7.55 0.77 -53.14
C LEU A 63 7.51 0.13 -51.76
N GLY A 64 8.20 -1.00 -51.57
CA GLY A 64 8.51 -1.50 -50.26
C GLY A 64 9.71 -0.77 -49.68
N ALA A 65 10.50 -0.13 -50.55
CA ALA A 65 11.52 0.79 -50.06
C ALA A 65 10.89 2.00 -49.39
N VAL A 66 9.89 2.61 -50.04
CA VAL A 66 9.09 3.68 -49.44
C VAL A 66 8.46 3.21 -48.15
N MET A 67 8.27 1.92 -47.99
CA MET A 67 7.63 1.33 -46.83
C MET A 67 8.61 1.12 -45.68
N LEU A 68 9.85 0.73 -45.98
CA LEU A 68 10.92 0.75 -44.99
C LEU A 68 11.20 2.17 -44.49
N GLY A 69 11.18 3.16 -45.39
CA GLY A 69 11.34 4.53 -44.93
C GLY A 69 10.27 4.93 -43.93
N VAL A 70 9.02 4.54 -44.19
CA VAL A 70 7.93 4.88 -43.28
C VAL A 70 8.06 4.12 -41.97
N THR A 71 8.49 2.87 -42.02
CA THR A 71 8.64 2.12 -40.77
C THR A 71 9.86 2.55 -39.96
N ALA A 72 10.79 3.28 -40.57
CA ALA A 72 11.86 3.91 -39.79
C ALA A 72 11.41 5.24 -39.20
N LEU A 73 10.67 6.05 -39.97
CA LEU A 73 10.09 7.26 -39.41
C LEU A 73 9.13 6.96 -38.28
N GLN A 74 8.43 5.83 -38.34
CA GLN A 74 7.45 5.50 -37.32
C GLN A 74 8.12 5.16 -35.98
N VAL A 75 9.38 4.76 -36.00
CA VAL A 75 10.10 4.45 -34.76
C VAL A 75 10.99 5.59 -34.30
N VAL A 76 11.51 6.43 -35.19
CA VAL A 76 12.30 7.57 -34.75
C VAL A 76 11.45 8.66 -34.12
N CYS A 77 10.13 8.55 -34.17
CA CYS A 77 9.25 9.50 -33.49
C CYS A 77 8.31 8.77 -32.55
N ALA A 78 8.62 7.51 -32.27
CA ALA A 78 7.97 6.78 -31.18
C ALA A 78 8.90 6.62 -29.99
N VAL A 79 10.21 6.68 -30.17
CA VAL A 79 11.13 6.87 -29.06
C VAL A 79 11.29 8.35 -28.72
N GLY A 80 11.22 9.24 -29.71
CA GLY A 80 11.19 10.66 -29.43
C GLY A 80 9.96 11.10 -28.67
N ALA A 81 8.85 10.36 -28.80
CA ALA A 81 7.65 10.68 -28.04
C ALA A 81 7.76 10.20 -26.61
N VAL A 82 8.32 9.01 -26.38
CA VAL A 82 8.48 8.53 -25.02
C VAL A 82 9.60 9.28 -24.30
N PHE A 83 10.58 9.81 -25.05
CA PHE A 83 11.61 10.64 -24.43
C PHE A 83 11.02 11.87 -23.77
N PHE A 84 10.19 12.62 -24.50
CA PHE A 84 9.57 13.81 -23.94
C PHE A 84 8.39 13.48 -23.02
N GLY A 85 7.75 12.34 -23.21
CA GLY A 85 6.69 11.93 -22.30
C GLY A 85 7.25 11.59 -20.94
N ALA A 86 8.39 10.88 -20.89
CA ALA A 86 9.05 10.52 -19.65
C ALA A 86 9.75 11.70 -19.00
N ARG A 87 9.84 12.82 -19.69
CA ARG A 87 10.42 14.02 -19.09
C ARG A 87 9.31 14.89 -18.51
N ALA A 88 8.22 15.05 -19.27
CA ALA A 88 7.06 15.74 -18.72
C ALA A 88 6.48 14.99 -17.53
N ALA A 89 6.46 13.65 -17.60
CA ALA A 89 5.86 12.85 -16.54
C ALA A 89 6.70 12.77 -15.30
N THR A 90 7.99 13.13 -15.38
CA THR A 90 8.81 13.23 -14.19
C THR A 90 8.91 14.65 -13.66
N GLY A 91 8.87 15.65 -14.53
CA GLY A 91 8.75 17.02 -14.09
C GLY A 91 7.46 17.22 -13.32
N PHE A 92 6.36 16.68 -13.85
CA PHE A 92 5.17 16.46 -13.04
C PHE A 92 5.45 15.30 -12.11
N GLY A 93 5.50 15.58 -10.82
CA GLY A 93 5.83 14.56 -9.85
C GLY A 93 7.01 15.05 -9.06
N HIS A 94 8.04 15.55 -9.76
CA HIS A 94 8.99 16.44 -9.10
C HIS A 94 8.27 17.64 -8.53
N ASP A 95 7.53 18.37 -9.37
CA ASP A 95 6.83 19.56 -8.91
C ASP A 95 5.69 19.23 -7.96
N LEU A 96 5.15 18.00 -8.03
CA LEU A 96 4.04 17.65 -7.17
C LEU A 96 4.50 17.29 -5.77
N ARG A 97 5.54 16.46 -5.65
CA ARG A 97 6.01 16.16 -4.30
C ARG A 97 6.81 17.31 -3.71
N ALA A 98 7.44 18.15 -4.53
CA ALA A 98 7.99 19.39 -4.00
C ALA A 98 6.90 20.24 -3.34
N ALA A 99 5.74 20.33 -3.98
CA ALA A 99 4.62 21.08 -3.44
C ALA A 99 4.04 20.45 -2.18
N VAL A 100 3.87 19.13 -2.19
CA VAL A 100 3.33 18.46 -1.01
C VAL A 100 4.29 18.62 0.18
N PHE A 101 5.59 18.47 -0.05
CA PHE A 101 6.55 18.65 1.04
C PHE A 101 6.55 20.08 1.54
N THR A 102 6.62 21.06 0.62
CA THR A 102 6.67 22.45 1.03
C THR A 102 5.40 22.86 1.77
N HIS A 103 4.28 22.20 1.47
CA HIS A 103 3.04 22.53 2.19
C HIS A 103 3.00 21.83 3.54
N VAL A 104 3.40 20.57 3.60
CA VAL A 104 3.43 19.84 4.87
C VAL A 104 4.34 20.53 5.88
N THR A 105 5.49 21.02 5.42
CA THR A 105 6.42 21.64 6.35
C THR A 105 5.98 23.01 6.82
N THR A 106 4.78 23.44 6.49
CA THR A 106 4.17 24.63 7.07
C THR A 106 3.11 24.29 8.11
N PHE A 107 2.76 23.01 8.25
CA PHE A 107 1.79 22.59 9.24
C PHE A 107 2.29 22.87 10.65
N SER A 108 1.37 22.83 11.59
CA SER A 108 1.71 22.89 13.01
C SER A 108 1.76 21.47 13.55
N ALA A 109 1.94 21.33 14.87
CA ALA A 109 1.98 19.99 15.45
C ALA A 109 0.64 19.29 15.32
N GLU A 110 -0.45 20.02 15.53
CA GLU A 110 -1.78 19.42 15.45
C GLU A 110 -2.13 19.02 14.02
N GLU A 111 -1.89 19.90 13.07
CA GLU A 111 -2.26 19.62 11.68
C GLU A 111 -1.40 18.53 11.07
N ALA A 112 -0.14 18.46 11.48
CA ALA A 112 0.72 17.37 11.00
C ALA A 112 0.37 16.06 11.67
N GLY A 113 0.03 16.11 12.96
CA GLY A 113 -0.37 14.90 13.66
C GLY A 113 -1.72 14.35 13.21
N ARG A 114 -2.59 15.21 12.68
CA ARG A 114 -3.87 14.73 12.17
C ARG A 114 -3.70 13.74 11.03
N PHE A 115 -2.72 13.96 10.17
CA PHE A 115 -2.47 13.04 9.05
C PHE A 115 -1.59 11.88 9.47
N GLY A 116 -0.69 12.09 10.41
CA GLY A 116 0.30 11.11 10.78
C GLY A 116 1.66 11.49 10.24
N ALA A 117 2.62 10.59 10.45
CA ALA A 117 3.94 10.74 9.88
C ALA A 117 4.26 9.67 8.86
N ALA A 118 3.50 8.57 8.83
CA ALA A 118 3.63 7.53 7.83
C ALA A 118 2.57 7.66 6.74
N SER A 119 1.33 7.96 7.12
CA SER A 119 0.32 8.35 6.15
C SER A 119 0.66 9.63 5.44
N LEU A 120 1.50 10.47 6.04
CA LEU A 120 1.96 11.71 5.45
C LEU A 120 3.20 11.51 4.59
N LEU A 121 3.96 10.44 4.85
CA LEU A 121 5.05 10.00 4.00
C LEU A 121 4.59 9.25 2.76
N THR A 122 3.71 8.27 2.89
CA THR A 122 3.18 7.54 1.74
C THR A 122 2.01 8.35 1.20
N ARG A 123 2.21 9.66 1.11
CA ARG A 123 1.25 10.57 0.51
C ARG A 123 2.03 11.63 -0.24
N THR A 124 3.35 11.49 -0.24
CA THR A 124 4.22 12.41 -0.96
C THR A 124 5.24 11.68 -1.80
N THR A 125 5.44 10.39 -1.64
CA THR A 125 6.36 9.70 -2.53
C THR A 125 5.66 8.65 -3.39
N ASN A 126 5.06 7.62 -2.79
CA ASN A 126 4.46 6.54 -3.54
C ASN A 126 2.97 6.78 -3.75
N ASP A 127 2.58 8.00 -3.62
CA ASP A 127 1.24 8.53 -3.85
C ASP A 127 1.27 9.63 -4.89
N VAL A 128 2.33 10.42 -4.93
CA VAL A 128 2.65 11.21 -6.12
C VAL A 128 3.08 10.29 -7.25
N GLY A 129 3.72 9.17 -6.92
CA GLY A 129 4.11 8.20 -7.93
C GLY A 129 2.98 7.59 -8.72
N HIS A 130 1.81 7.38 -8.12
CA HIS A 130 0.68 6.81 -8.85
C HIS A 130 0.01 7.80 -9.79
N ILE A 131 0.30 9.09 -9.66
CA ILE A 131 -0.17 10.06 -10.64
C ILE A 131 0.92 10.32 -11.68
N GLN A 132 2.18 10.28 -11.26
CA GLN A 132 3.29 10.29 -12.20
C GLN A 132 3.22 9.13 -13.18
N GLN A 133 2.87 7.94 -12.69
CA GLN A 133 2.68 6.76 -13.54
C GLN A 133 1.39 6.82 -14.33
N LEU A 134 0.47 7.72 -13.96
CA LEU A 134 -0.72 7.94 -14.77
C LEU A 134 -0.42 8.87 -15.94
N VAL A 135 0.29 9.97 -15.69
CA VAL A 135 0.63 10.92 -16.76
C VAL A 135 1.50 10.25 -17.81
N GLN A 136 2.60 9.63 -17.39
CA GLN A 136 3.46 8.83 -18.24
C GLN A 136 2.70 7.92 -19.18
N LEU A 137 1.70 7.22 -18.69
CA LEU A 137 1.06 6.15 -19.42
C LEU A 137 -0.16 6.63 -20.20
N THR A 138 -0.74 7.77 -19.81
CA THR A 138 -1.80 8.38 -20.60
C THR A 138 -1.26 9.26 -21.71
N VAL A 139 0.01 9.65 -21.67
CA VAL A 139 0.56 10.46 -22.76
C VAL A 139 1.36 9.62 -23.75
N THR A 140 1.70 8.37 -23.45
CA THR A 140 2.44 7.53 -24.37
C THR A 140 1.69 6.26 -24.78
N MET A 141 0.62 5.90 -24.07
CA MET A 141 -0.03 4.63 -24.40
C MET A 141 -1.56 4.73 -24.38
N LEU A 142 -2.14 5.90 -24.10
CA LEU A 142 -3.58 6.05 -24.11
C LEU A 142 -4.10 7.08 -25.09
N ILE A 143 -3.30 8.06 -25.52
CA ILE A 143 -3.74 8.99 -26.55
C ILE A 143 -3.71 8.36 -27.93
N THR A 144 -3.14 7.16 -28.05
CA THR A 144 -3.13 6.45 -29.33
C THR A 144 -4.51 5.94 -29.72
N ALA A 145 -5.36 5.64 -28.75
CA ALA A 145 -6.70 5.17 -29.07
C ALA A 145 -7.54 6.28 -29.71
N PRO A 146 -7.56 7.50 -29.16
CA PRO A 146 -8.23 8.59 -29.88
C PRO A 146 -7.45 9.16 -31.05
N ILE A 147 -6.16 8.88 -31.16
CA ILE A 147 -5.39 9.27 -32.34
C ILE A 147 -5.45 8.24 -33.45
N MET A 148 -5.31 6.95 -33.14
CA MET A 148 -5.51 5.95 -34.19
C MET A 148 -6.90 6.03 -34.81
N SER A 149 -7.92 6.31 -34.02
CA SER A 149 -9.28 6.38 -34.55
C SER A 149 -9.45 7.55 -35.51
N ILE A 150 -9.12 8.77 -35.05
CA ILE A 150 -9.31 9.94 -35.90
C ILE A 150 -8.36 9.90 -37.09
N GLY A 151 -7.13 9.43 -36.89
CA GLY A 151 -6.19 9.31 -37.99
C GLY A 151 -6.62 8.25 -38.97
N GLY A 152 -7.24 7.18 -38.51
CA GLY A 152 -7.78 6.19 -39.43
C GLY A 152 -8.93 6.74 -40.23
N ILE A 153 -9.76 7.59 -39.60
CA ILE A 153 -10.81 8.26 -40.36
C ILE A 153 -10.22 9.15 -41.44
N PHE A 154 -9.18 9.91 -41.10
CA PHE A 154 -8.55 10.76 -42.11
C PHE A 154 -7.82 9.95 -43.18
N MET A 155 -7.26 8.79 -42.84
CA MET A 155 -6.62 7.96 -43.85
C MET A 155 -7.65 7.32 -44.76
N ALA A 156 -8.79 6.90 -44.21
CA ALA A 156 -9.87 6.32 -45.01
C ALA A 156 -10.55 7.39 -45.83
N LEU A 157 -10.38 8.65 -45.45
CA LEU A 157 -10.83 9.77 -46.26
C LEU A 157 -9.85 10.14 -47.35
N HIS A 158 -8.54 10.05 -47.08
CA HIS A 158 -7.52 10.21 -48.09
C HIS A 158 -7.67 9.15 -49.18
N GLN A 159 -7.71 7.89 -48.77
CA GLN A 159 -7.87 6.80 -49.73
C GLN A 159 -9.32 6.36 -49.80
N ASP A 160 -9.89 6.42 -51.00
CA ASP A 160 -11.28 6.03 -51.23
C ASP A 160 -12.22 6.79 -50.32
N ALA A 161 -12.33 8.11 -50.50
CA ALA A 161 -13.20 8.96 -49.70
C ALA A 161 -14.68 8.65 -49.87
N GLY A 162 -15.02 7.66 -50.69
CA GLY A 162 -16.42 7.33 -50.89
C GLY A 162 -16.90 6.24 -49.94
N LEU A 163 -16.00 5.36 -49.55
CA LEU A 163 -16.30 4.29 -48.59
C LEU A 163 -15.84 4.69 -47.19
N SER A 164 -15.53 5.96 -47.00
CA SER A 164 -15.09 6.48 -45.71
C SER A 164 -16.20 6.53 -44.68
N TRP A 165 -17.46 6.49 -45.10
CA TRP A 165 -18.57 6.56 -44.15
C TRP A 165 -18.64 5.35 -43.23
N LEU A 166 -18.10 4.20 -43.65
CA LEU A 166 -18.03 3.04 -42.77
C LEU A 166 -17.16 3.27 -41.55
N LEU A 167 -16.21 4.20 -41.62
CA LEU A 167 -15.35 4.45 -40.48
C LEU A 167 -15.82 5.65 -39.67
N LEU A 168 -16.78 6.42 -40.19
CA LEU A 168 -17.50 7.42 -39.43
C LEU A 168 -18.73 6.85 -38.75
N VAL A 169 -19.09 5.60 -39.05
CA VAL A 169 -20.18 4.91 -38.39
C VAL A 169 -19.65 3.85 -37.43
N SER A 170 -18.40 3.44 -37.62
CA SER A 170 -17.84 2.38 -36.78
C SER A 170 -16.99 2.90 -35.64
N VAL A 171 -16.37 4.07 -35.74
CA VAL A 171 -15.60 4.64 -34.64
C VAL A 171 -16.53 5.28 -33.60
N PRO A 172 -17.56 6.03 -33.99
CA PRO A 172 -18.50 6.49 -32.96
C PRO A 172 -19.20 5.37 -32.23
N VAL A 173 -19.71 4.36 -32.94
CA VAL A 173 -20.40 3.24 -32.27
C VAL A 173 -19.43 2.39 -31.47
N LEU A 174 -18.12 2.56 -31.67
CA LEU A 174 -17.12 1.85 -30.88
C LEU A 174 -16.65 2.66 -29.69
N GLY A 175 -16.65 3.98 -29.76
CA GLY A 175 -16.27 4.79 -28.64
C GLY A 175 -17.47 5.15 -27.78
N LEU A 176 -18.66 4.76 -28.24
CA LEU A 176 -19.89 4.94 -27.48
C LEU A 176 -20.31 3.67 -26.75
N ALA A 177 -20.32 2.54 -27.44
CA ALA A 177 -20.58 1.26 -26.79
C ALA A 177 -19.49 0.87 -25.81
N ASN A 178 -18.29 1.44 -25.94
CA ASN A 178 -17.21 1.21 -25.01
C ASN A 178 -17.14 2.29 -23.95
N TYR A 179 -17.78 3.43 -24.17
CA TYR A 179 -17.98 4.43 -23.11
C TYR A 179 -19.08 4.01 -22.17
N TRP A 180 -20.14 3.38 -22.68
CA TRP A 180 -21.22 2.88 -21.83
C TRP A 180 -20.70 1.86 -20.82
N ILE A 181 -19.93 0.88 -21.30
CA ILE A 181 -19.40 -0.17 -20.43
C ILE A 181 -18.52 0.45 -19.35
N ILE A 182 -17.65 1.37 -19.73
CA ILE A 182 -16.73 1.95 -18.75
C ILE A 182 -17.46 2.86 -17.78
N ARG A 183 -18.48 3.58 -18.23
CA ARG A 183 -19.26 4.41 -17.34
C ARG A 183 -20.03 3.60 -16.32
N HIS A 184 -20.48 2.39 -16.67
CA HIS A 184 -21.07 1.50 -15.67
C HIS A 184 -20.05 0.69 -14.89
N LEU A 185 -18.81 0.59 -15.36
CA LEU A 185 -17.78 -0.19 -14.71
C LEU A 185 -17.00 0.60 -13.66
N MET A 186 -16.76 1.89 -13.87
CA MET A 186 -15.94 2.67 -12.95
C MET A 186 -16.48 2.65 -11.51
N PRO A 187 -17.80 2.78 -11.28
CA PRO A 187 -18.28 2.69 -9.89
C PRO A 187 -18.09 1.33 -9.26
N VAL A 188 -18.46 0.25 -9.96
CA VAL A 188 -18.43 -1.09 -9.40
C VAL A 188 -16.98 -1.56 -9.30
N PHE A 189 -16.08 -0.80 -9.90
CA PHE A 189 -14.65 -1.07 -9.82
C PHE A 189 -13.96 -0.27 -8.73
N THR A 190 -14.39 0.97 -8.48
CA THR A 190 -13.85 1.74 -7.37
C THR A 190 -14.45 1.32 -6.03
N ARG A 191 -15.61 0.66 -6.03
CA ARG A 191 -16.12 0.05 -4.81
C ARG A 191 -15.38 -1.22 -4.44
N MET A 192 -15.01 -2.03 -5.43
CA MET A 192 -14.23 -3.23 -5.23
C MET A 192 -12.84 -2.95 -4.64
N GLN A 193 -12.27 -1.77 -4.91
CA GLN A 193 -10.95 -1.44 -4.39
C GLN A 193 -10.99 -0.97 -2.95
N SER A 194 -12.07 -0.34 -2.49
CA SER A 194 -12.25 -0.06 -1.08
C SER A 194 -12.74 -1.27 -0.32
N LEU A 195 -12.92 -2.39 -1.00
CA LEU A 195 -13.47 -3.60 -0.41
C LEU A 195 -12.46 -4.74 -0.44
N ILE A 196 -11.48 -4.68 -1.34
CA ILE A 196 -10.23 -5.41 -1.19
C ILE A 196 -9.38 -4.85 -0.06
N ASP A 197 -9.35 -3.54 0.13
CA ASP A 197 -8.61 -2.89 1.19
C ASP A 197 -9.22 -3.14 2.56
N GLY A 198 -10.46 -3.61 2.63
CA GLY A 198 -11.13 -3.85 3.89
C GLY A 198 -10.95 -5.27 4.38
N ILE A 199 -10.98 -6.22 3.44
CA ILE A 199 -10.81 -7.63 3.76
C ILE A 199 -9.37 -7.83 4.26
N ASN A 200 -8.46 -7.05 3.70
CA ASN A 200 -7.06 -7.10 4.09
C ASN A 200 -6.91 -6.52 5.49
N ARG A 201 -7.68 -5.46 5.76
CA ARG A 201 -7.67 -4.82 7.06
C ARG A 201 -8.11 -5.85 8.09
N VAL A 202 -9.18 -6.57 7.77
CA VAL A 202 -9.70 -7.61 8.66
C VAL A 202 -8.64 -8.66 8.93
N LEU A 203 -7.94 -9.11 7.89
CA LEU A 203 -6.89 -10.12 8.08
C LEU A 203 -5.74 -9.57 8.92
N ARG A 204 -5.35 -8.32 8.69
CA ARG A 204 -4.28 -7.72 9.47
C ARG A 204 -4.66 -7.60 10.93
N ASP A 205 -5.89 -7.18 11.22
CA ASP A 205 -6.34 -7.09 12.60
C ASP A 205 -6.52 -8.45 13.25
N GLN A 206 -6.83 -9.49 12.47
CA GLN A 206 -6.94 -10.81 13.07
C GLN A 206 -5.58 -11.44 13.33
N LEU A 207 -4.59 -11.17 12.50
CA LEU A 207 -3.26 -11.73 12.73
C LEU A 207 -2.49 -10.93 13.77
N SER A 208 -2.74 -9.63 13.87
CA SER A 208 -2.04 -8.83 14.88
C SER A 208 -2.51 -9.16 16.28
N GLY A 209 -3.78 -9.48 16.44
CA GLY A 209 -4.31 -9.77 17.76
C GLY A 209 -4.87 -11.17 17.91
N ILE A 210 -4.20 -12.15 17.30
CA ILE A 210 -4.64 -13.53 17.36
C ILE A 210 -4.61 -14.09 18.77
N ARG A 211 -4.03 -13.35 19.71
CA ARG A 211 -3.90 -13.81 21.09
C ARG A 211 -5.03 -13.29 21.97
N VAL A 212 -5.50 -12.07 21.73
CA VAL A 212 -6.59 -11.48 22.48
C VAL A 212 -7.93 -11.83 21.83
N ILE A 213 -7.92 -12.11 20.52
CA ILE A 213 -9.08 -12.74 19.89
C ILE A 213 -9.40 -14.06 20.58
N ARG A 214 -8.37 -14.81 20.97
CA ARG A 214 -8.59 -16.06 21.68
C ARG A 214 -8.81 -15.86 23.16
N ALA A 215 -8.14 -14.89 23.79
CA ALA A 215 -8.37 -14.63 25.20
C ALA A 215 -9.83 -14.40 25.52
N PHE A 216 -10.60 -13.86 24.57
CA PHE A 216 -12.02 -13.59 24.76
C PHE A 216 -12.90 -14.64 24.09
N ALA A 217 -12.30 -15.60 23.39
CA ALA A 217 -13.05 -16.59 22.62
C ALA A 217 -13.94 -15.94 21.56
N ARG A 218 -13.31 -15.14 20.70
CA ARG A 218 -14.02 -14.40 19.66
C ARG A 218 -13.82 -15.01 18.28
N GLU A 219 -13.31 -16.23 18.20
CA GLU A 219 -13.25 -16.87 16.90
C GLU A 219 -14.64 -17.14 16.32
N PRO A 220 -15.73 -17.31 17.13
CA PRO A 220 -17.06 -17.30 16.52
C PRO A 220 -17.46 -15.93 16.00
N LEU A 221 -17.16 -14.87 16.74
CA LEU A 221 -17.48 -13.52 16.29
C LEU A 221 -16.66 -13.16 15.05
N GLU A 222 -15.36 -13.46 15.08
CA GLU A 222 -14.56 -13.45 13.88
C GLU A 222 -15.05 -14.55 12.96
N ARG A 223 -14.55 -14.56 11.72
CA ARG A 223 -14.96 -15.50 10.67
C ARG A 223 -16.47 -15.53 10.49
N VAL A 224 -17.12 -14.51 11.03
CA VAL A 224 -18.49 -14.12 10.68
C VAL A 224 -18.36 -12.63 10.34
N ARG A 225 -17.32 -12.02 10.89
CA ARG A 225 -16.85 -10.71 10.50
C ARG A 225 -15.94 -10.76 9.29
N PHE A 226 -15.34 -11.92 9.00
CA PHE A 226 -14.60 -12.17 7.78
C PHE A 226 -15.44 -12.78 6.68
N ALA A 227 -16.43 -13.61 7.03
CA ALA A 227 -17.30 -14.17 6.02
C ALA A 227 -18.20 -13.13 5.39
N GLU A 228 -18.36 -11.96 6.00
CA GLU A 228 -19.07 -10.86 5.40
C GLU A 228 -18.18 -10.00 4.52
N ALA A 229 -16.89 -9.89 4.84
CA ALA A 229 -15.96 -9.20 3.96
C ALA A 229 -15.64 -10.02 2.73
N ASN A 230 -15.44 -11.33 2.90
CA ASN A 230 -15.11 -12.20 1.77
C ASN A 230 -16.27 -12.25 0.77
N GLN A 231 -17.48 -12.50 1.26
CA GLN A 231 -18.63 -12.60 0.38
C GLN A 231 -19.02 -11.28 -0.25
N THR A 232 -18.91 -10.17 0.46
CA THR A 232 -19.17 -8.86 -0.14
C THR A 232 -18.12 -8.50 -1.18
N LEU A 233 -16.84 -8.79 -0.92
CA LEU A 233 -15.81 -8.62 -1.93
C LEU A 233 -16.10 -9.43 -3.17
N SER A 234 -16.51 -10.69 -3.00
CA SER A 234 -16.82 -11.50 -4.16
C SER A 234 -18.07 -11.02 -4.90
N ASP A 235 -19.07 -10.52 -4.18
CA ASP A 235 -20.25 -9.98 -4.83
C ASP A 235 -19.95 -8.72 -5.63
N SER A 236 -19.01 -7.89 -5.18
CA SER A 236 -18.65 -6.70 -5.93
C SER A 236 -17.59 -6.97 -6.99
N ALA A 237 -16.85 -8.07 -6.87
CA ALA A 237 -15.86 -8.45 -7.86
C ALA A 237 -16.45 -9.33 -8.96
N LEU A 238 -17.67 -9.82 -8.76
CA LEU A 238 -18.31 -10.65 -9.76
C LEU A 238 -19.27 -9.86 -10.63
N GLU A 239 -19.73 -8.70 -10.17
CA GLU A 239 -20.47 -7.79 -11.06
C GLU A 239 -19.56 -6.76 -11.72
N ALA A 240 -18.37 -6.53 -11.18
CA ALA A 240 -17.37 -5.74 -11.88
C ALA A 240 -16.75 -6.51 -13.02
N GLY A 241 -16.89 -7.84 -13.02
CA GLY A 241 -16.33 -8.66 -14.06
C GLY A 241 -17.37 -9.19 -15.02
N ARG A 242 -18.61 -8.74 -14.87
CA ARG A 242 -19.64 -8.97 -15.88
C ARG A 242 -19.83 -7.76 -16.78
N TRP A 243 -19.32 -6.60 -16.38
CA TRP A 243 -19.13 -5.48 -17.28
C TRP A 243 -17.80 -5.55 -18.00
N GLN A 244 -16.76 -6.04 -17.33
CA GLN A 244 -15.45 -6.23 -17.92
C GLN A 244 -15.43 -7.42 -18.86
N ALA A 245 -16.51 -8.19 -18.89
CA ALA A 245 -16.68 -9.29 -19.83
C ALA A 245 -17.29 -8.88 -21.14
N LEU A 246 -17.90 -7.70 -21.21
CA LEU A 246 -18.45 -7.17 -22.45
C LEU A 246 -17.46 -6.35 -23.26
N MET A 247 -16.32 -5.99 -22.68
CA MET A 247 -15.43 -5.05 -23.33
C MET A 247 -14.82 -5.64 -24.60
N LEU A 248 -14.11 -6.77 -24.47
CA LEU A 248 -13.50 -7.39 -25.65
C LEU A 248 -14.55 -7.89 -26.64
N PRO A 249 -15.57 -8.66 -26.25
CA PRO A 249 -16.54 -9.13 -27.25
C PRO A 249 -17.21 -8.01 -28.04
N VAL A 250 -17.65 -6.94 -27.36
CA VAL A 250 -18.37 -5.89 -28.07
C VAL A 250 -17.46 -5.15 -29.03
N THR A 251 -16.25 -4.79 -28.61
CA THR A 251 -15.37 -4.06 -29.51
C THR A 251 -14.93 -4.92 -30.69
N THR A 252 -14.63 -6.20 -30.46
CA THR A 252 -14.23 -7.04 -31.58
C THR A 252 -15.41 -7.35 -32.49
N LEU A 253 -16.63 -7.40 -31.95
CA LEU A 253 -17.80 -7.59 -32.79
C LEU A 253 -18.06 -6.37 -33.65
N VAL A 254 -17.88 -5.17 -33.08
CA VAL A 254 -18.04 -3.96 -33.88
C VAL A 254 -17.02 -3.94 -35.01
N ILE A 255 -15.76 -4.26 -34.70
CA ILE A 255 -14.73 -4.25 -35.74
C ILE A 255 -15.00 -5.31 -36.79
N ASN A 256 -15.49 -6.48 -36.39
CA ASN A 256 -15.70 -7.55 -37.36
C ASN A 256 -16.95 -7.33 -38.21
N VAL A 257 -18.01 -6.75 -37.63
CA VAL A 257 -19.17 -6.40 -38.43
C VAL A 257 -18.83 -5.27 -39.39
N SER A 258 -18.02 -4.30 -38.94
CA SER A 258 -17.55 -3.27 -39.85
C SER A 258 -16.68 -3.87 -40.96
N SER A 259 -15.90 -4.89 -40.62
CA SER A 259 -15.07 -5.56 -41.61
C SER A 259 -15.88 -6.33 -42.64
N VAL A 260 -16.98 -6.97 -42.23
CA VAL A 260 -17.79 -7.70 -43.20
C VAL A 260 -18.73 -6.78 -43.95
N ALA A 261 -19.03 -5.60 -43.42
CA ALA A 261 -19.75 -4.60 -44.21
C ALA A 261 -18.81 -3.89 -45.16
N LEU A 262 -17.52 -3.82 -44.79
CA LEU A 262 -16.51 -3.25 -45.66
C LEU A 262 -16.48 -3.94 -47.01
N ILE A 263 -16.38 -5.27 -47.02
CA ILE A 263 -16.21 -5.95 -48.29
C ILE A 263 -17.48 -5.89 -49.12
N TRP A 264 -18.65 -5.90 -48.49
CA TRP A 264 -19.88 -5.75 -49.27
C TRP A 264 -19.96 -4.37 -49.91
N PHE A 265 -19.95 -3.32 -49.09
CA PHE A 265 -20.10 -1.98 -49.62
C PHE A 265 -18.88 -1.51 -50.39
N GLY A 266 -17.78 -2.26 -50.38
CA GLY A 266 -16.62 -1.91 -51.15
C GLY A 266 -16.56 -2.69 -52.44
N GLY A 267 -17.04 -3.93 -52.45
CA GLY A 267 -17.18 -4.65 -53.68
C GLY A 267 -18.27 -4.06 -54.57
N LEU A 268 -19.29 -3.47 -53.96
CA LEU A 268 -20.27 -2.74 -54.76
C LEU A 268 -19.63 -1.57 -55.50
N ARG A 269 -18.55 -1.00 -54.98
CA ARG A 269 -17.81 0.05 -55.66
C ARG A 269 -16.74 -0.50 -56.59
N ILE A 270 -16.13 -1.63 -56.22
CA ILE A 270 -15.09 -2.22 -57.06
C ILE A 270 -15.68 -2.76 -58.35
N ASP A 271 -16.88 -3.34 -58.28
CA ASP A 271 -17.57 -3.73 -59.51
C ASP A 271 -17.92 -2.50 -60.34
N ALA A 272 -18.39 -1.43 -59.68
CA ALA A 272 -18.77 -0.21 -60.38
C ALA A 272 -17.57 0.54 -60.96
N GLY A 273 -16.36 0.03 -60.79
CA GLY A 273 -15.18 0.66 -61.36
C GLY A 273 -14.70 1.89 -60.63
N GLN A 274 -15.28 2.21 -59.48
CA GLN A 274 -14.95 3.42 -58.74
C GLN A 274 -14.17 3.14 -57.46
N MET A 275 -13.50 1.99 -57.38
CA MET A 275 -12.68 1.64 -56.22
C MET A 275 -11.69 0.57 -56.66
N GLN A 276 -10.46 0.67 -56.15
CA GLN A 276 -9.46 -0.34 -56.47
C GLN A 276 -9.52 -1.47 -55.43
N VAL A 277 -9.18 -2.67 -55.90
CA VAL A 277 -9.27 -3.85 -55.03
C VAL A 277 -8.32 -3.78 -53.85
N GLY A 278 -7.23 -3.02 -53.97
CA GLY A 278 -6.31 -2.86 -52.87
C GLY A 278 -6.80 -1.97 -51.76
N SER A 279 -7.83 -1.17 -51.99
CA SER A 279 -8.38 -0.29 -50.96
C SER A 279 -9.16 -1.05 -49.90
N LEU A 280 -9.36 -2.35 -50.07
CA LEU A 280 -9.88 -3.20 -49.00
C LEU A 280 -8.80 -3.70 -48.08
N ILE A 281 -7.65 -4.07 -48.64
CA ILE A 281 -6.49 -4.44 -47.82
C ILE A 281 -6.12 -3.31 -46.88
N ALA A 282 -6.36 -2.08 -47.30
CA ALA A 282 -6.02 -0.93 -46.47
C ALA A 282 -7.05 -0.70 -45.38
N PHE A 283 -8.34 -0.73 -45.74
CA PHE A 283 -9.38 -0.46 -44.75
C PHE A 283 -9.43 -1.55 -43.68
N LEU A 284 -9.22 -2.81 -44.06
CA LEU A 284 -9.14 -3.86 -43.06
C LEU A 284 -8.05 -3.59 -42.04
N ALA A 285 -6.88 -3.14 -42.48
CA ALA A 285 -5.82 -2.82 -41.55
C ALA A 285 -6.11 -1.59 -40.73
N TYR A 286 -6.82 -0.60 -41.29
CA TYR A 286 -7.27 0.52 -40.47
C TYR A 286 -8.14 0.03 -39.32
N PHE A 287 -9.10 -0.84 -39.63
CA PHE A 287 -9.97 -1.38 -38.58
C PHE A 287 -9.18 -2.20 -37.57
N MET A 288 -8.27 -3.04 -38.06
CA MET A 288 -7.56 -3.94 -37.15
C MET A 288 -6.49 -3.21 -36.35
N GLN A 289 -6.14 -1.99 -36.74
CA GLN A 289 -5.23 -1.20 -35.91
C GLN A 289 -6.01 -0.34 -34.91
N ILE A 290 -7.15 0.21 -35.34
CA ILE A 290 -8.03 0.88 -34.40
C ILE A 290 -8.45 -0.07 -33.29
N LEU A 291 -8.69 -1.34 -33.64
CA LEU A 291 -9.06 -2.33 -32.64
C LEU A 291 -7.94 -2.56 -31.64
N MET A 292 -6.71 -2.75 -32.13
CA MET A 292 -5.60 -3.02 -31.22
C MET A 292 -5.28 -1.82 -30.36
N ALA A 293 -5.53 -0.60 -30.86
CA ALA A 293 -5.34 0.57 -30.02
C ALA A 293 -6.40 0.67 -28.94
N VAL A 294 -7.68 0.51 -29.31
CA VAL A 294 -8.76 0.65 -28.34
C VAL A 294 -8.69 -0.44 -27.28
N LEU A 295 -8.33 -1.66 -27.67
CA LEU A 295 -8.24 -2.76 -26.71
C LEU A 295 -7.21 -2.47 -25.63
N MET A 296 -5.97 -2.20 -26.05
CA MET A 296 -4.94 -1.99 -25.05
C MET A 296 -5.02 -0.63 -24.38
N ALA A 297 -5.88 0.28 -24.88
CA ALA A 297 -6.10 1.51 -24.13
C ALA A 297 -7.19 1.36 -23.09
N THR A 298 -8.20 0.53 -23.36
CA THR A 298 -9.24 0.28 -22.36
C THR A 298 -8.86 -0.80 -21.36
N PHE A 299 -7.88 -1.65 -21.66
CA PHE A 299 -7.44 -2.67 -20.73
C PHE A 299 -6.43 -2.14 -19.72
N MET A 300 -6.13 -0.84 -19.75
CA MET A 300 -5.27 -0.24 -18.74
C MET A 300 -5.86 1.07 -18.23
N LEU A 301 -7.19 1.18 -18.20
CA LEU A 301 -7.87 2.29 -17.54
C LEU A 301 -8.14 2.00 -16.08
N VAL A 302 -7.64 0.88 -15.56
CA VAL A 302 -7.78 0.57 -14.14
C VAL A 302 -6.92 1.47 -13.27
N ILE A 303 -6.06 2.29 -13.87
CA ILE A 303 -5.17 3.16 -13.10
C ILE A 303 -5.79 4.52 -12.84
N PHE A 304 -6.89 4.86 -13.50
CA PHE A 304 -7.57 6.12 -13.21
C PHE A 304 -8.28 6.08 -11.85
N PRO A 305 -9.00 5.01 -11.48
CA PRO A 305 -9.65 5.00 -10.17
C PRO A 305 -8.67 4.86 -9.02
N ARG A 306 -7.59 4.09 -9.21
CA ARG A 306 -6.62 3.92 -8.14
C ARG A 306 -5.75 5.14 -7.96
N ALA A 307 -5.66 6.01 -8.96
CA ALA A 307 -4.90 7.24 -8.86
C ALA A 307 -5.77 8.46 -8.69
N ALA A 308 -7.09 8.27 -8.64
CA ALA A 308 -8.01 9.32 -8.20
C ALA A 308 -8.32 9.21 -6.72
N VAL A 309 -8.01 8.09 -6.09
CA VAL A 309 -8.05 7.96 -4.64
C VAL A 309 -6.73 8.48 -4.10
N CYS A 310 -5.66 8.24 -4.85
CA CYS A 310 -4.35 8.77 -4.51
C CYS A 310 -4.32 10.29 -4.59
N ALA A 311 -5.02 10.87 -5.56
CA ALA A 311 -5.07 12.32 -5.71
C ALA A 311 -6.02 12.98 -4.74
N ASP A 312 -6.90 12.22 -4.09
CA ASP A 312 -7.70 12.73 -2.99
C ASP A 312 -6.91 12.96 -1.72
N ARG A 313 -5.97 12.06 -1.41
CA ARG A 313 -5.06 12.24 -0.28
C ARG A 313 -4.17 13.46 -0.46
N ILE A 314 -3.56 13.59 -1.64
CA ILE A 314 -2.69 14.73 -1.92
C ILE A 314 -3.48 16.03 -1.86
N GLY A 315 -4.70 16.03 -2.39
CA GLY A 315 -5.55 17.21 -2.29
C GLY A 315 -6.00 17.51 -0.88
N GLU A 316 -6.18 16.48 -0.05
CA GLU A 316 -6.53 16.70 1.35
C GLU A 316 -5.37 17.34 2.11
N VAL A 317 -4.14 16.96 1.76
CA VAL A 317 -2.98 17.64 2.35
C VAL A 317 -2.88 19.07 1.84
N LEU A 318 -2.94 19.25 0.52
CA LEU A 318 -2.73 20.57 -0.07
C LEU A 318 -3.83 21.55 0.26
N SER A 319 -5.02 21.06 0.62
CA SER A 319 -6.14 21.92 0.97
C SER A 319 -6.17 22.26 2.45
N THR A 320 -5.23 21.73 3.23
CA THR A 320 -5.13 22.04 4.65
C THR A 320 -4.42 23.37 4.83
N GLN A 321 -5.09 24.33 5.44
CA GLN A 321 -4.52 25.65 5.70
C GLN A 321 -4.04 25.70 7.14
N THR A 322 -2.82 26.18 7.33
CA THR A 322 -2.26 26.29 8.67
C THR A 322 -2.98 27.38 9.46
N ALA A 323 -2.96 27.23 10.78
CA ALA A 323 -3.63 28.18 11.67
C ALA A 323 -2.70 28.86 12.65
N ILE A 324 -1.44 28.45 12.72
CA ILE A 324 -0.45 29.08 13.60
C ILE A 324 0.58 29.74 12.71
N THR A 325 0.48 31.07 12.56
CA THR A 325 1.31 31.80 11.62
C THR A 325 2.04 32.92 12.34
N ASN A 326 3.25 33.20 11.87
CA ASN A 326 4.01 34.34 12.33
C ASN A 326 3.21 35.62 12.12
N PRO A 327 2.95 36.41 13.17
CA PRO A 327 2.08 37.59 13.01
C PRO A 327 2.64 38.64 12.05
N ALA A 328 1.79 39.61 11.69
CA ALA A 328 2.14 40.61 10.70
C ALA A 328 3.33 41.46 11.15
N ASP A 329 3.17 42.20 12.24
CA ASP A 329 4.26 42.99 12.80
C ASP A 329 4.64 42.41 14.16
N PRO A 330 5.46 41.38 14.22
CA PRO A 330 5.75 40.74 15.49
C PRO A 330 6.65 41.59 16.37
N VAL A 331 6.45 41.49 17.66
CA VAL A 331 7.31 42.15 18.62
C VAL A 331 8.65 41.43 18.64
N ARG A 332 9.74 42.19 18.73
CA ARG A 332 11.10 41.63 18.71
C ARG A 332 11.90 42.22 19.85
N PRO A 333 11.85 41.62 21.03
CA PRO A 333 12.66 42.09 22.15
C PRO A 333 14.15 41.94 21.87
N ALA A 334 14.94 42.61 22.69
CA ALA A 334 16.39 42.50 22.57
C ALA A 334 16.85 41.07 22.86
N ALA A 335 16.25 40.44 23.85
CA ALA A 335 16.59 39.06 24.22
C ALA A 335 15.43 38.46 24.99
N ILE A 336 14.89 37.35 24.50
CA ILE A 336 13.84 36.65 25.22
C ILE A 336 14.48 35.92 26.39
N ALA A 337 14.41 36.52 27.58
CA ALA A 337 14.96 35.94 28.79
C ALA A 337 13.82 35.41 29.64
N GLY A 338 13.52 34.13 29.47
CA GLY A 338 12.27 33.53 29.90
C GLY A 338 11.64 33.94 31.21
N ASP A 339 10.36 34.28 31.14
CA ASP A 339 9.50 34.47 32.31
C ASP A 339 8.09 34.08 31.92
N ILE A 340 7.70 32.84 32.18
CA ILE A 340 6.47 32.32 31.56
C ILE A 340 5.28 32.67 32.44
N GLY A 341 4.20 33.09 31.79
CA GLY A 341 3.09 33.75 32.44
C GLY A 341 1.72 33.21 32.10
N VAL A 342 1.54 31.89 32.10
CA VAL A 342 0.26 31.30 31.68
C VAL A 342 -0.88 31.98 32.44
N HIS A 343 -1.75 32.69 31.71
CA HIS A 343 -2.87 33.40 32.30
C HIS A 343 -4.17 32.82 31.74
N ASP A 344 -4.91 32.12 32.58
CA ASP A 344 -6.28 31.71 32.29
C ASP A 344 -6.37 30.91 30.99
N ALA A 345 -5.28 30.22 30.63
CA ALA A 345 -5.21 29.55 29.34
C ALA A 345 -6.01 28.26 29.34
N THR A 346 -6.81 28.08 28.31
CA THR A 346 -7.53 26.83 28.07
C THR A 346 -7.12 26.29 26.71
N PHE A 347 -7.39 25.01 26.48
CA PHE A 347 -7.19 24.41 25.18
C PHE A 347 -8.20 23.28 24.99
N CYS A 348 -8.92 23.33 23.88
CA CYS A 348 -9.93 22.33 23.57
C CYS A 348 -9.85 21.99 22.10
N TYR A 349 -9.67 20.71 21.78
CA TYR A 349 -9.68 20.29 20.39
C TYR A 349 -11.07 20.52 19.81
N PRO A 350 -11.17 20.91 18.54
CA PRO A 350 -12.47 21.33 17.99
C PRO A 350 -13.50 20.21 17.96
N GLY A 351 -14.56 20.36 18.75
CA GLY A 351 -15.62 19.38 18.82
C GLY A 351 -15.66 18.57 20.09
N ALA A 352 -14.61 18.63 20.91
CA ALA A 352 -14.55 17.83 22.12
C ALA A 352 -15.58 18.33 23.14
N ASP A 353 -15.83 17.48 24.14
CA ASP A 353 -16.76 17.86 25.21
C ASP A 353 -16.04 18.57 26.34
N ARG A 354 -14.84 18.09 26.69
CA ARG A 354 -14.06 18.66 27.76
C ARG A 354 -12.74 19.20 27.21
N PRO A 355 -12.33 20.40 27.62
CA PRO A 355 -11.04 20.92 27.17
C PRO A 355 -9.87 20.17 27.80
N VAL A 356 -8.79 20.07 27.03
CA VAL A 356 -7.56 19.45 27.55
C VAL A 356 -7.07 20.21 28.77
N LEU A 357 -6.89 21.52 28.63
CA LEU A 357 -6.56 22.40 29.73
C LEU A 357 -7.70 23.39 29.90
N GLN A 358 -7.98 23.76 31.15
CA GLN A 358 -9.10 24.64 31.44
C GLN A 358 -8.74 25.54 32.61
N ASP A 359 -8.71 26.85 32.34
CA ASP A 359 -8.51 27.87 33.38
C ASP A 359 -7.14 27.72 34.04
N VAL A 360 -6.18 27.17 33.30
CA VAL A 360 -4.82 27.04 33.82
C VAL A 360 -4.21 28.42 33.97
N SER A 361 -3.67 28.71 35.15
CA SER A 361 -3.18 30.06 35.43
C SER A 361 -2.04 29.94 36.45
N PHE A 362 -0.81 30.00 35.96
CA PHE A 362 0.34 30.05 36.85
C PHE A 362 1.48 30.84 36.22
N THR A 363 2.59 30.98 36.95
CA THR A 363 3.70 31.80 36.46
C THR A 363 5.03 31.28 36.97
N VAL A 364 5.97 31.05 36.07
CA VAL A 364 7.32 30.66 36.46
C VAL A 364 8.25 31.84 36.19
N PRO A 365 8.98 32.28 37.22
CA PRO A 365 9.97 33.38 37.23
C PRO A 365 11.15 33.28 36.26
N ARG A 366 11.92 34.37 36.17
CA ARG A 366 13.06 34.49 35.27
C ARG A 366 14.20 33.45 35.43
N GLY A 367 14.59 33.16 36.66
CA GLY A 367 15.67 32.20 36.88
C GLY A 367 15.33 31.13 37.89
N THR A 368 14.17 30.50 37.71
CA THR A 368 13.69 29.46 38.60
C THR A 368 13.35 28.22 37.79
N THR A 369 12.81 27.21 38.46
CA THR A 369 12.42 25.96 37.80
C THR A 369 11.08 25.51 38.36
N THR A 370 10.07 25.51 37.50
CA THR A 370 8.77 24.96 37.85
C THR A 370 8.65 23.53 37.33
N ALA A 371 7.78 22.77 37.98
CA ALA A 371 7.51 21.39 37.59
C ALA A 371 6.02 21.17 37.58
N VAL A 372 5.47 20.74 36.45
CA VAL A 372 4.05 20.41 36.35
C VAL A 372 3.94 18.89 36.43
N VAL A 373 2.99 18.41 37.21
CA VAL A 373 2.85 16.97 37.44
C VAL A 373 1.37 16.61 37.39
N GLY A 374 1.07 15.46 36.80
CA GLY A 374 -0.29 14.99 36.72
C GLY A 374 -0.34 13.56 36.25
N SER A 375 -1.54 13.12 35.92
CA SER A 375 -1.75 11.76 35.45
C SER A 375 -1.52 11.65 33.95
N THR A 376 -1.88 10.52 33.37
CA THR A 376 -1.82 10.36 31.92
C THR A 376 -2.96 11.13 31.26
N GLY A 377 -2.67 11.78 30.15
CA GLY A 377 -3.66 12.53 29.42
C GLY A 377 -4.27 13.69 30.15
N SER A 378 -3.54 14.31 31.08
CA SER A 378 -4.07 15.38 31.90
C SER A 378 -3.73 16.78 31.37
N GLY A 379 -2.93 16.87 30.31
CA GLY A 379 -2.64 18.14 29.68
C GLY A 379 -1.22 18.64 29.86
N LYS A 380 -0.27 17.80 30.26
CA LYS A 380 1.08 18.28 30.52
C LYS A 380 1.84 18.57 29.23
N SER A 381 1.84 17.63 28.29
CA SER A 381 2.50 17.85 27.02
C SER A 381 1.78 18.87 26.16
N THR A 382 0.49 19.09 26.39
CA THR A 382 -0.24 20.14 25.72
C THR A 382 0.15 21.52 26.24
N LEU A 383 0.64 21.62 27.47
CA LEU A 383 1.10 22.87 28.03
C LEU A 383 2.48 23.26 27.53
N ILE A 384 3.39 22.31 27.45
CA ILE A 384 4.68 22.54 26.79
C ILE A 384 4.47 23.08 25.38
N SER A 385 3.61 22.41 24.61
CA SER A 385 3.38 22.84 23.24
C SER A 385 2.62 24.16 23.16
N LEU A 386 2.00 24.60 24.26
CA LEU A 386 1.43 25.93 24.30
C LEU A 386 2.47 27.00 24.61
N ILE A 387 3.47 26.67 25.43
CA ILE A 387 4.50 27.64 25.76
C ILE A 387 5.33 28.05 24.56
N CYS A 388 5.50 27.17 23.57
CA CYS A 388 6.35 27.44 22.43
C CYS A 388 5.58 27.36 21.11
N ARG A 389 4.29 27.69 21.18
CA ARG A 389 3.37 27.69 20.04
C ARG A 389 3.55 26.55 19.05
N LEU A 390 3.64 25.33 19.56
CA LEU A 390 3.27 24.18 18.74
C LEU A 390 1.76 24.03 18.66
N TYR A 391 1.06 24.33 19.75
CA TYR A 391 -0.38 24.48 19.77
C TYR A 391 -0.69 25.94 20.05
N ASP A 392 -1.95 26.32 19.86
CA ASP A 392 -2.39 27.69 20.01
C ASP A 392 -3.54 27.76 20.99
N VAL A 393 -3.42 28.63 21.99
CA VAL A 393 -4.44 28.75 23.04
C VAL A 393 -5.78 29.10 22.42
N THR A 394 -6.86 28.69 23.06
CA THR A 394 -8.21 28.98 22.61
C THR A 394 -8.87 30.12 23.38
N SER A 395 -8.69 30.18 24.70
CA SER A 395 -9.44 31.14 25.49
C SER A 395 -8.64 31.78 26.61
N GLY A 396 -7.31 31.76 26.51
CA GLY A 396 -6.48 32.36 27.52
C GLY A 396 -5.30 33.11 26.96
N SER A 397 -4.14 33.04 27.63
CA SER A 397 -2.96 33.71 27.11
C SER A 397 -1.70 33.04 27.63
N LEU A 398 -0.71 32.94 26.74
CA LEU A 398 0.65 32.55 27.08
C LEU A 398 1.55 33.76 26.88
N ARG A 399 2.27 34.15 27.92
CA ARG A 399 3.15 35.31 27.88
C ARG A 399 4.56 34.92 28.28
N ILE A 400 5.54 35.55 27.63
CA ILE A 400 6.94 35.36 27.96
C ILE A 400 7.57 36.74 28.06
N ASP A 401 8.00 37.13 29.26
CA ASP A 401 8.50 38.44 29.65
C ASP A 401 7.40 39.49 29.70
N GLY A 402 6.16 39.15 29.39
CA GLY A 402 5.08 40.11 29.46
C GLY A 402 4.35 40.27 28.14
N VAL A 403 4.98 39.82 27.07
CA VAL A 403 4.40 39.92 25.73
C VAL A 403 3.72 38.59 25.40
N ASP A 404 2.52 38.67 24.82
CA ASP A 404 1.78 37.49 24.43
C ASP A 404 2.60 36.68 23.43
N VAL A 405 2.61 35.36 23.60
CA VAL A 405 3.37 34.49 22.71
C VAL A 405 2.83 34.48 21.29
N ARG A 406 1.55 34.78 21.09
CA ARG A 406 0.95 34.93 19.78
C ARG A 406 1.36 36.26 19.13
N ASP A 407 2.15 37.04 19.84
CA ASP A 407 2.55 38.36 19.38
C ASP A 407 4.06 38.45 19.32
N LEU A 408 4.69 37.37 18.85
CA LEU A 408 6.14 37.30 18.68
C LEU A 408 6.45 36.51 17.42
N ASP A 409 7.52 36.87 16.73
CA ASP A 409 7.98 36.06 15.60
C ASP A 409 8.30 34.66 16.10
N ILE A 410 7.61 33.67 15.55
CA ILE A 410 7.61 32.32 16.08
C ILE A 410 9.01 31.71 15.97
N GLU A 411 9.87 32.31 15.16
CA GLU A 411 11.20 31.80 14.95
C GLU A 411 12.23 32.32 15.94
N GLN A 412 12.04 33.54 16.46
CA GLN A 412 12.87 34.03 17.56
C GLN A 412 12.54 33.38 18.89
N LEU A 413 11.27 33.05 19.12
CA LEU A 413 10.88 32.29 20.30
C LEU A 413 11.59 30.95 20.33
N TRP A 414 11.45 30.16 19.27
CA TRP A 414 12.08 28.85 19.18
C TRP A 414 13.60 28.92 19.32
N SER A 415 14.21 30.04 18.96
CA SER A 415 15.65 30.21 19.11
C SER A 415 16.06 30.44 20.55
N ALA A 416 15.12 30.78 21.43
CA ALA A 416 15.39 30.99 22.84
C ALA A 416 15.02 29.79 23.70
N ILE A 417 14.38 28.78 23.13
CA ILE A 417 13.85 27.65 23.86
C ILE A 417 14.62 26.40 23.49
N GLY A 418 15.05 25.64 24.50
CA GLY A 418 15.59 24.32 24.33
C GLY A 418 14.57 23.27 24.71
N LEU A 419 14.04 22.57 23.70
CA LEU A 419 12.93 21.65 23.88
C LEU A 419 13.41 20.21 23.90
N VAL A 420 12.88 19.43 24.83
CA VAL A 420 13.10 17.99 24.89
C VAL A 420 11.74 17.33 24.99
N PRO A 421 11.10 16.95 23.90
CA PRO A 421 9.73 16.44 23.95
C PRO A 421 9.68 14.98 24.41
N GLN A 422 8.46 14.51 24.68
CA GLN A 422 8.27 13.10 25.01
C GLN A 422 8.72 12.21 23.86
N ARG A 423 8.11 12.38 22.70
CA ARG A 423 8.48 11.62 21.50
C ARG A 423 9.69 12.32 20.90
N GLY A 424 10.87 12.03 21.44
CA GLY A 424 12.11 12.58 20.93
C GLY A 424 12.57 11.82 19.70
N TYR A 425 13.44 12.48 18.93
CA TYR A 425 13.89 11.90 17.68
C TYR A 425 15.34 12.30 17.47
N LEU A 426 16.16 11.30 17.12
CA LEU A 426 17.53 11.54 16.70
C LEU A 426 17.64 11.29 15.22
N PHE A 427 18.36 12.16 14.52
CA PHE A 427 18.45 12.09 13.07
C PHE A 427 19.69 11.33 12.65
N SER A 428 19.57 10.57 11.57
CA SER A 428 20.65 9.68 11.13
C SER A 428 21.92 10.46 10.83
N GLY A 429 23.04 9.86 11.15
CA GLY A 429 24.31 10.47 10.89
C GLY A 429 25.25 10.29 12.07
N THR A 430 25.70 11.41 12.61
CA THR A 430 26.72 11.47 13.63
C THR A 430 26.16 12.10 14.89
N VAL A 431 26.58 11.60 16.06
CA VAL A 431 26.17 12.22 17.31
C VAL A 431 26.63 13.67 17.40
N ALA A 432 27.71 14.03 16.73
CA ALA A 432 28.14 15.41 16.61
C ALA A 432 27.38 16.16 15.53
N GLU A 433 26.50 15.48 14.79
CA GLU A 433 25.55 16.13 13.91
C GLU A 433 24.18 16.27 14.55
N ASN A 434 23.83 15.40 15.49
CA ASN A 434 22.59 15.55 16.25
C ASN A 434 22.70 16.57 17.36
N LEU A 435 23.90 16.81 17.89
CA LEU A 435 24.17 18.03 18.63
C LEU A 435 25.27 18.80 17.91
N ARG A 436 24.88 19.33 16.76
CA ARG A 436 25.45 20.48 16.06
C ARG A 436 24.17 21.07 15.49
N TYR A 437 23.09 20.82 16.22
CA TYR A 437 21.72 20.98 15.78
C TYR A 437 20.99 22.01 16.61
N GLY A 438 21.38 22.14 17.88
CA GLY A 438 20.86 23.23 18.69
C GLY A 438 21.70 24.50 18.55
N ARG A 439 22.98 24.35 18.22
CA ARG A 439 23.86 25.51 18.05
C ARG A 439 24.29 25.74 16.61
N ALA A 440 24.58 24.67 15.87
CA ALA A 440 24.92 24.64 14.45
C ALA A 440 26.34 25.12 14.14
N ASP A 441 27.07 25.67 15.11
CA ASP A 441 28.47 26.01 14.90
C ASP A 441 29.30 25.68 16.13
N ALA A 442 28.89 24.65 16.87
CA ALA A 442 29.54 24.30 18.12
C ALA A 442 30.92 23.70 17.86
N THR A 443 31.80 23.89 18.83
CA THR A 443 33.13 23.29 18.82
C THR A 443 33.03 21.90 19.41
N ASP A 444 34.17 21.28 19.69
CA ASP A 444 34.19 19.98 20.36
C ASP A 444 34.21 20.10 21.88
N ASP A 445 34.81 21.16 22.42
CA ASP A 445 34.86 21.37 23.86
C ASP A 445 33.53 21.96 24.36
N GLU A 446 32.58 22.12 23.45
CA GLU A 446 31.19 22.40 23.81
C GLU A 446 30.34 21.14 23.70
N MET A 447 30.54 20.35 22.64
CA MET A 447 29.84 19.08 22.52
C MET A 447 30.18 18.15 23.66
N TRP A 448 31.46 18.00 24.00
CA TRP A 448 31.82 17.18 25.14
C TRP A 448 31.36 17.77 26.47
N GLU A 449 31.38 19.10 26.61
CA GLU A 449 30.86 19.71 27.82
C GLU A 449 29.40 19.35 28.03
N ALA A 450 28.57 19.47 27.00
CA ALA A 450 27.16 19.23 27.18
C ALA A 450 26.82 17.74 27.15
N LEU A 451 27.68 16.91 26.58
CA LEU A 451 27.56 15.48 26.79
C LEU A 451 27.92 15.08 28.21
N ARG A 452 28.80 15.81 28.87
CA ARG A 452 29.07 15.61 30.28
C ARG A 452 27.88 16.05 31.13
N VAL A 453 27.33 17.23 30.83
CA VAL A 453 26.17 17.76 31.54
C VAL A 453 25.03 16.76 31.51
N ALA A 454 24.71 16.25 30.32
CA ALA A 454 23.63 15.29 30.16
C ALA A 454 24.02 13.88 30.60
N ALA A 455 25.18 13.72 31.24
CA ALA A 455 25.66 12.41 31.70
C ALA A 455 25.70 11.41 30.54
N ALA A 456 26.06 11.90 29.36
CA ALA A 456 26.13 11.08 28.16
C ALA A 456 27.54 10.89 27.65
N ALA A 457 28.54 11.51 28.28
CA ALA A 457 29.90 11.46 27.78
C ALA A 457 30.51 10.07 27.84
N ASP A 458 30.03 9.22 28.75
CA ASP A 458 30.67 7.91 28.92
C ASP A 458 30.50 7.03 27.69
N PHE A 459 29.27 6.84 27.22
CA PHE A 459 29.02 5.91 26.12
C PHE A 459 29.36 6.49 24.76
N VAL A 460 29.66 7.79 24.67
CA VAL A 460 30.12 8.38 23.43
C VAL A 460 31.63 8.54 23.39
N ARG A 461 32.30 8.64 24.54
CA ARG A 461 33.75 8.61 24.54
C ARG A 461 34.27 7.18 24.51
N ALA A 462 33.49 6.24 25.06
CA ALA A 462 33.82 4.83 25.01
C ALA A 462 33.39 4.23 23.66
N HIS A 463 33.97 4.80 22.60
CA HIS A 463 33.67 4.35 21.25
C HIS A 463 34.86 4.71 20.35
N PRO A 464 35.21 3.84 19.40
CA PRO A 464 36.37 4.13 18.53
C PRO A 464 36.31 5.47 17.82
N GLN A 465 35.19 5.73 17.13
CA GLN A 465 35.13 6.90 16.26
C GLN A 465 34.99 8.21 17.03
N GLY A 466 34.96 8.16 18.35
CA GLY A 466 34.89 9.37 19.16
C GLY A 466 33.46 9.89 19.28
N LEU A 467 33.30 11.20 19.12
CA LEU A 467 31.97 11.81 19.07
C LEU A 467 31.53 11.81 17.61
N ASP A 468 31.68 10.65 16.98
CA ASP A 468 31.26 10.45 15.60
C ASP A 468 30.59 9.09 15.46
N MET A 469 30.29 8.46 16.59
CA MET A 469 29.67 7.14 16.58
C MET A 469 28.34 7.22 15.85
N PRO A 470 28.19 6.48 14.76
CA PRO A 470 27.02 6.66 13.88
C PRO A 470 25.70 6.34 14.58
N VAL A 471 24.70 7.16 14.32
CA VAL A 471 23.36 6.94 14.82
C VAL A 471 22.51 6.41 13.67
N ALA A 472 21.55 5.56 14.02
CA ALA A 472 20.64 5.02 13.02
C ALA A 472 19.63 6.10 12.63
N GLN A 473 18.65 5.74 11.81
CA GLN A 473 17.71 6.74 11.30
C GLN A 473 16.91 7.38 12.43
N GLY A 474 16.20 6.57 13.21
CA GLY A 474 15.43 7.07 14.32
C GLY A 474 16.18 7.13 15.63
N GLY A 475 17.50 7.00 15.61
CA GLY A 475 18.25 6.83 16.85
C GLY A 475 17.97 5.50 17.50
N ILE A 476 17.64 4.48 16.71
CA ILE A 476 17.22 3.20 17.26
C ILE A 476 18.39 2.35 17.75
N ASN A 477 19.62 2.68 17.36
CA ASN A 477 20.77 1.92 17.81
C ASN A 477 21.21 2.28 19.23
N PHE A 478 20.40 3.03 19.96
CA PHE A 478 20.65 3.36 21.35
C PHE A 478 19.53 2.81 22.22
N SER A 479 19.80 2.70 23.52
CA SER A 479 18.75 2.43 24.47
C SER A 479 17.93 3.70 24.70
N GLY A 480 16.83 3.55 25.43
CA GLY A 480 16.01 4.71 25.74
C GLY A 480 16.76 5.77 26.54
N GLY A 481 17.50 5.35 27.56
CA GLY A 481 18.24 6.25 28.41
C GLY A 481 19.43 6.92 27.77
N GLN A 482 19.96 6.37 26.69
CA GLN A 482 20.96 7.06 25.88
C GLN A 482 20.33 7.95 24.83
N ARG A 483 19.24 7.49 24.22
CA ARG A 483 18.54 8.28 23.22
C ARG A 483 17.95 9.54 23.80
N GLN A 484 17.50 9.53 25.05
CA GLN A 484 16.92 10.72 25.65
C GLN A 484 17.93 11.48 26.50
N ARG A 485 19.17 11.01 26.58
CA ARG A 485 20.27 11.84 27.04
C ARG A 485 20.99 12.57 25.91
N LEU A 486 21.07 12.00 24.72
CA LEU A 486 21.48 12.79 23.57
C LEU A 486 20.49 13.91 23.27
N ALA A 487 19.19 13.66 23.49
CA ALA A 487 18.17 14.69 23.32
C ALA A 487 18.28 15.79 24.36
N ILE A 488 18.66 15.47 25.61
CA ILE A 488 18.95 16.49 26.59
C ILE A 488 20.23 17.24 26.27
N ALA A 489 21.26 16.54 25.78
CA ALA A 489 22.53 17.17 25.43
C ALA A 489 22.39 18.17 24.29
N ARG A 490 21.70 17.81 23.20
CA ARG A 490 21.53 18.76 22.11
C ARG A 490 20.65 19.93 22.47
N ALA A 491 19.90 19.85 23.57
CA ALA A 491 19.25 21.01 24.15
C ALA A 491 20.15 21.78 25.09
N VAL A 492 21.33 21.24 25.41
CA VAL A 492 22.28 21.97 26.24
C VAL A 492 23.33 22.68 25.40
N ILE A 493 23.64 22.21 24.19
CA ILE A 493 24.41 23.03 23.26
C ILE A 493 23.36 23.87 22.55
N ARG A 494 22.75 24.79 23.29
CA ARG A 494 21.96 25.86 22.72
C ARG A 494 22.12 27.05 23.65
N ARG A 495 22.49 26.75 24.89
CA ARG A 495 22.42 27.69 26.00
C ARG A 495 21.14 28.53 25.99
N PRO A 496 19.96 27.88 26.00
CA PRO A 496 18.72 28.63 25.87
C PRO A 496 18.45 29.50 27.08
N ALA A 497 17.40 30.31 27.00
CA ALA A 497 16.86 30.99 28.16
C ALA A 497 15.76 30.19 28.83
N ILE A 498 15.10 29.31 28.08
CA ILE A 498 13.96 28.54 28.57
C ILE A 498 14.15 27.09 28.17
N TYR A 499 14.33 26.21 29.17
CA TYR A 499 14.37 24.77 28.96
C TYR A 499 12.97 24.20 29.15
N LEU A 500 12.52 23.38 28.21
CA LEU A 500 11.22 22.73 28.27
C LEU A 500 11.44 21.23 28.18
N PHE A 501 11.51 20.57 29.34
CA PHE A 501 11.64 19.13 29.38
C PHE A 501 10.26 18.52 29.51
N ASP A 502 9.93 17.56 28.64
CA ASP A 502 8.62 16.93 28.60
C ASP A 502 8.84 15.42 28.75
N ASP A 503 8.74 14.93 29.97
CA ASP A 503 9.09 13.55 30.31
C ASP A 503 10.45 13.18 29.72
N ALA A 504 11.44 13.99 30.09
CA ALA A 504 12.80 13.84 29.61
C ALA A 504 13.66 12.97 30.50
N PHE A 505 13.13 12.49 31.62
CA PHE A 505 13.92 11.76 32.60
C PHE A 505 13.24 10.46 33.02
N SER A 506 12.31 9.97 32.22
CA SER A 506 11.52 8.81 32.57
C SER A 506 12.27 7.49 32.39
N ALA A 507 13.13 7.38 31.38
CA ALA A 507 13.93 6.18 31.17
C ALA A 507 15.28 6.26 31.84
N LEU A 508 15.51 7.25 32.69
CA LEU A 508 16.71 7.35 33.49
C LEU A 508 16.42 6.89 34.92
N ASP A 509 17.38 6.19 35.51
CA ASP A 509 17.27 5.86 36.92
C ASP A 509 17.39 7.13 37.76
N VAL A 510 16.97 7.02 39.03
CA VAL A 510 16.98 8.18 39.91
C VAL A 510 18.38 8.75 40.06
N HIS A 511 19.40 7.89 40.01
CA HIS A 511 20.78 8.33 40.18
C HIS A 511 21.21 9.26 39.04
N THR A 512 21.13 8.77 37.80
CA THR A 512 21.53 9.61 36.67
C THR A 512 20.56 10.75 36.44
N ASP A 513 19.28 10.59 36.78
CA ASP A 513 18.34 11.70 36.73
C ASP A 513 18.81 12.84 37.63
N ALA A 514 19.14 12.52 38.88
CA ALA A 514 19.64 13.53 39.80
C ALA A 514 20.96 14.11 39.34
N ARG A 515 21.85 13.27 38.78
CA ARG A 515 23.10 13.78 38.22
C ARG A 515 22.84 14.81 37.12
N VAL A 516 21.98 14.47 36.15
CA VAL A 516 21.72 15.36 35.04
C VAL A 516 21.09 16.66 35.54
N ARG A 517 20.14 16.57 36.47
CA ARG A 517 19.52 17.80 36.95
C ARG A 517 20.46 18.64 37.80
N ASP A 518 21.36 18.03 38.57
CA ASP A 518 22.36 18.79 39.30
C ASP A 518 23.30 19.50 38.35
N ALA A 519 23.87 18.77 37.39
CA ALA A 519 24.72 19.39 36.38
C ALA A 519 23.98 20.40 35.53
N LEU A 520 22.65 20.31 35.46
CA LEU A 520 21.84 21.24 34.68
C LEU A 520 21.66 22.55 35.43
N ARG A 521 21.14 22.48 36.65
CA ARG A 521 21.02 23.71 37.45
C ARG A 521 22.33 24.01 38.16
N GLU A 522 23.44 23.90 37.44
CA GLU A 522 24.74 24.36 37.94
C GLU A 522 25.44 25.11 36.83
N VAL A 523 25.15 24.75 35.58
CA VAL A 523 25.71 25.43 34.42
C VAL A 523 24.68 26.30 33.73
N ALA A 524 23.39 26.14 34.06
CA ALA A 524 22.32 26.96 33.52
C ALA A 524 21.46 27.47 34.68
N ALA A 525 22.13 27.98 35.72
CA ALA A 525 21.47 28.42 36.94
C ALA A 525 20.69 29.72 36.76
N ASP A 526 20.73 30.33 35.58
CA ASP A 526 20.01 31.57 35.32
C ASP A 526 18.91 31.39 34.28
N ALA A 527 18.68 30.16 33.82
CA ALA A 527 17.66 29.89 32.83
C ALA A 527 16.37 29.43 33.50
N THR A 528 15.25 29.62 32.82
CA THR A 528 13.95 29.19 33.29
C THR A 528 13.70 27.76 32.82
N VAL A 529 13.53 26.83 33.75
CA VAL A 529 13.35 25.43 33.43
C VAL A 529 11.91 25.04 33.75
N VAL A 530 11.29 24.28 32.85
CA VAL A 530 9.95 23.76 33.04
C VAL A 530 10.02 22.25 32.82
N ILE A 531 9.81 21.48 33.89
CA ILE A 531 9.93 20.03 33.86
C ILE A 531 8.54 19.41 33.91
N VAL A 532 8.23 18.58 32.93
CA VAL A 532 7.00 17.80 32.87
C VAL A 532 7.38 16.38 33.20
N SER A 533 6.82 15.84 34.29
CA SER A 533 7.17 14.50 34.71
C SER A 533 6.01 13.88 35.48
N GLN A 534 5.98 12.56 35.45
CA GLN A 534 5.14 11.74 36.31
C GLN A 534 5.88 11.23 37.54
N ARG A 535 7.20 11.28 37.54
CA ARG A 535 7.98 10.87 38.70
C ARG A 535 8.12 12.02 39.68
N ILE A 536 8.00 11.73 40.97
CA ILE A 536 8.09 12.77 42.00
C ILE A 536 9.51 13.07 42.41
N SER A 537 10.43 12.10 42.33
CA SER A 537 11.81 12.34 42.74
C SER A 537 12.45 13.47 41.93
N THR A 538 12.04 13.65 40.67
CA THR A 538 12.52 14.74 39.83
C THR A 538 11.72 16.02 40.02
N VAL A 539 10.95 16.13 41.09
CA VAL A 539 10.08 17.27 41.33
C VAL A 539 10.31 17.79 42.74
N ILE A 540 11.08 17.03 43.53
CA ILE A 540 11.30 17.37 44.94
C ILE A 540 12.04 18.69 45.11
N GLU A 541 12.97 19.03 44.21
CA GLU A 541 13.78 20.23 44.36
C GLU A 541 13.36 21.33 43.39
N ALA A 542 12.18 21.21 42.77
CA ALA A 542 11.68 22.28 41.94
C ALA A 542 11.27 23.47 42.79
N ASP A 543 11.48 24.67 42.27
CA ASP A 543 11.18 25.88 43.02
C ASP A 543 9.68 25.99 43.29
N GLN A 544 8.87 25.64 42.31
CA GLN A 544 7.45 25.41 42.54
C GLN A 544 7.02 24.20 41.72
N VAL A 545 6.03 23.47 42.24
CA VAL A 545 5.37 22.40 41.52
C VAL A 545 3.88 22.70 41.46
N VAL A 546 3.31 22.61 40.27
CA VAL A 546 1.87 22.68 40.07
C VAL A 546 1.39 21.29 39.69
N VAL A 547 0.22 20.93 40.21
CA VAL A 547 -0.41 19.65 39.93
C VAL A 547 -1.62 19.92 39.06
N ILE A 548 -1.73 19.20 37.96
CA ILE A 548 -2.91 19.33 37.10
C ILE A 548 -3.62 17.99 37.05
N ASP A 549 -4.95 18.07 37.05
CA ASP A 549 -5.79 16.87 37.06
C ASP A 549 -7.10 17.21 36.40
N ASP A 550 -7.49 16.43 35.39
CA ASP A 550 -8.68 16.69 34.58
C ASP A 550 -8.60 18.04 33.89
N GLY A 551 -7.40 18.53 33.62
CA GLY A 551 -7.23 19.79 32.93
C GLY A 551 -6.97 20.96 33.85
N ARG A 552 -7.58 20.96 35.03
CA ARG A 552 -7.50 22.07 35.95
C ARG A 552 -6.32 21.93 36.90
N VAL A 553 -5.82 23.08 37.36
CA VAL A 553 -4.72 23.12 38.31
C VAL A 553 -5.30 22.89 39.70
N VAL A 554 -4.97 21.75 40.30
CA VAL A 554 -5.46 21.39 41.62
C VAL A 554 -4.67 22.02 42.75
N GLY A 555 -3.35 22.12 42.62
CA GLY A 555 -2.53 22.70 43.66
C GLY A 555 -1.21 23.26 43.18
N ILE A 556 -0.73 24.30 43.84
CA ILE A 556 0.52 24.97 43.48
C ILE A 556 1.33 25.16 44.76
N GLY A 557 2.63 24.92 44.67
CA GLY A 557 3.50 25.07 45.82
C GLY A 557 4.78 24.29 45.61
N THR A 558 5.41 23.94 46.73
CA THR A 558 6.63 23.14 46.75
C THR A 558 6.30 21.73 47.22
N HIS A 559 7.30 20.85 47.11
CA HIS A 559 7.10 19.44 47.45
C HIS A 559 6.58 19.26 48.87
N ASP A 560 7.03 20.11 49.80
CA ASP A 560 6.64 19.93 51.20
C ASP A 560 5.28 20.55 51.49
N THR A 561 5.04 21.79 51.07
CA THR A 561 3.78 22.46 51.36
C THR A 561 2.63 21.95 50.49
N LEU A 562 2.93 21.13 49.48
CA LEU A 562 1.90 20.57 48.62
C LEU A 562 1.66 19.09 48.91
N LEU A 563 2.57 18.44 49.63
CA LEU A 563 2.38 17.05 50.03
C LEU A 563 1.28 16.92 51.07
N ALA A 564 0.96 18.02 51.77
CA ALA A 564 -0.12 18.01 52.76
C ALA A 564 -1.36 18.72 52.22
N ASP A 565 -1.16 19.79 51.44
CA ASP A 565 -2.28 20.61 50.99
C ASP A 565 -3.06 19.95 49.86
N CYS A 566 -2.40 19.18 48.99
CA CYS A 566 -3.04 18.62 47.80
C CYS A 566 -3.29 17.14 48.02
N PRO A 567 -4.54 16.68 48.04
CA PRO A 567 -4.81 15.25 48.18
C PRO A 567 -4.30 14.45 46.98
N ILE A 568 -4.48 15.00 45.78
CA ILE A 568 -4.03 14.32 44.58
C ILE A 568 -2.52 14.18 44.59
N TYR A 569 -1.80 15.19 45.07
CA TYR A 569 -0.34 15.10 45.10
C TYR A 569 0.13 14.07 46.13
N ALA A 570 -0.52 14.01 47.28
CA ALA A 570 -0.15 13.02 48.29
C ALA A 570 -0.44 11.62 47.79
N GLU A 571 -1.63 11.40 47.21
CA GLU A 571 -1.95 10.12 46.58
C GLU A 571 -0.99 9.78 45.46
N PHE A 572 -0.46 10.80 44.78
CA PHE A 572 0.45 10.61 43.66
C PHE A 572 1.83 10.17 44.14
N ALA A 573 2.31 10.78 45.22
CA ALA A 573 3.58 10.41 45.81
C ALA A 573 3.52 9.13 46.61
N GLU A 574 2.33 8.74 47.07
CA GLU A 574 2.15 7.48 47.79
C GLU A 574 2.17 6.27 46.86
N SER A 575 1.80 6.45 45.59
CA SER A 575 1.89 5.39 44.59
C SER A 575 3.33 5.13 44.15
N GLN A 576 4.29 5.85 44.74
CA GLN A 576 5.69 5.63 44.45
C GLN A 576 6.51 5.33 45.70
N ALA A 577 5.87 5.25 46.87
CA ALA A 577 6.51 4.87 48.13
C ALA A 577 7.58 5.87 48.56
N LEU A 578 7.24 7.15 48.58
CA LEU A 578 8.12 8.16 49.16
C LEU A 578 7.81 8.38 50.63
N ARG B 13 13.68 -20.85 -2.86
CA ARG B 13 12.23 -20.71 -2.95
C ARG B 13 11.65 -21.75 -3.90
N THR B 14 10.32 -21.78 -3.97
CA THR B 14 9.52 -22.69 -4.81
C THR B 14 10.14 -24.08 -4.89
N ARG B 15 10.27 -24.75 -3.74
CA ARG B 15 10.97 -26.01 -3.62
C ARG B 15 10.37 -27.12 -4.48
N ASP B 16 9.22 -26.85 -5.10
CA ASP B 16 8.63 -27.78 -6.04
C ASP B 16 7.63 -27.05 -6.94
N PHE B 17 7.41 -27.58 -8.14
CA PHE B 17 6.59 -26.89 -9.14
C PHE B 17 5.54 -27.81 -9.72
N LYS B 18 5.70 -29.11 -9.54
CA LYS B 18 4.78 -30.10 -10.14
C LYS B 18 3.61 -30.35 -9.20
N GLY B 19 3.90 -30.71 -7.96
CA GLY B 19 2.87 -30.99 -6.98
C GLY B 19 2.03 -29.76 -6.67
N SER B 20 2.69 -28.61 -6.49
CA SER B 20 1.96 -27.39 -6.22
C SER B 20 1.06 -27.02 -7.38
N ALA B 21 1.53 -27.23 -8.61
CA ALA B 21 0.71 -26.94 -9.79
C ALA B 21 -0.49 -27.86 -9.88
N ILE B 22 -0.28 -29.18 -9.74
CA ILE B 22 -1.37 -30.13 -9.84
C ILE B 22 -2.33 -30.03 -8.66
N ARG B 23 -1.89 -29.43 -7.55
CA ARG B 23 -2.79 -29.18 -6.43
C ARG B 23 -3.57 -27.89 -6.57
N LEU B 24 -2.95 -26.83 -7.11
CA LEU B 24 -3.68 -25.60 -7.38
C LEU B 24 -4.69 -25.80 -8.48
N ALA B 25 -4.34 -26.56 -9.52
CA ALA B 25 -5.24 -26.76 -10.65
C ALA B 25 -6.46 -27.59 -10.30
N ARG B 26 -6.41 -28.40 -9.25
CA ARG B 26 -7.57 -29.17 -8.84
C ARG B 26 -8.23 -28.55 -7.62
N ARG B 27 -7.79 -27.36 -7.22
CA ARG B 27 -8.65 -26.48 -6.44
C ARG B 27 -9.81 -25.98 -7.28
N LEU B 28 -9.64 -25.99 -8.60
CA LEU B 28 -10.73 -25.75 -9.56
C LEU B 28 -11.37 -27.10 -9.87
N LEU B 29 -11.64 -27.86 -8.81
CA LEU B 29 -12.21 -29.20 -8.95
C LEU B 29 -13.66 -29.32 -8.52
N PRO B 30 -14.08 -28.56 -7.50
CA PRO B 30 -15.47 -28.61 -7.01
C PRO B 30 -16.43 -28.36 -8.17
N GLN B 31 -16.14 -27.33 -8.98
CA GLN B 31 -16.92 -27.04 -10.16
C GLN B 31 -16.02 -27.28 -11.37
N ARG B 32 -15.98 -28.54 -11.81
CA ARG B 32 -15.27 -28.90 -13.02
C ARG B 32 -16.10 -28.70 -14.27
N ALA B 33 -17.42 -28.63 -14.13
CA ALA B 33 -18.28 -28.28 -15.26
C ALA B 33 -17.96 -26.87 -15.76
N LEU B 34 -17.87 -25.90 -14.84
CA LEU B 34 -17.53 -24.55 -15.23
C LEU B 34 -16.11 -24.44 -15.77
N THR B 35 -15.20 -25.30 -15.34
CA THR B 35 -13.83 -25.26 -15.82
C THR B 35 -13.67 -25.94 -17.17
N LEU B 36 -14.50 -26.94 -17.48
CA LEU B 36 -14.50 -27.58 -18.78
C LEU B 36 -15.29 -26.79 -19.81
N ALA B 37 -16.34 -26.08 -19.39
CA ALA B 37 -17.12 -25.25 -20.31
C ALA B 37 -16.50 -23.89 -20.52
N VAL B 38 -15.36 -23.60 -19.88
CA VAL B 38 -14.59 -22.42 -20.24
C VAL B 38 -13.48 -22.76 -21.24
N ILE B 39 -12.91 -23.96 -21.15
CA ILE B 39 -11.86 -24.38 -22.07
C ILE B 39 -12.40 -24.69 -23.47
N LEU B 40 -13.44 -25.52 -23.58
CA LEU B 40 -14.02 -25.86 -24.87
C LEU B 40 -14.83 -24.74 -25.48
N LEU B 41 -15.28 -23.79 -24.67
CA LEU B 41 -15.98 -22.61 -25.15
C LEU B 41 -15.03 -21.52 -25.59
N GLY B 42 -13.74 -21.68 -25.29
CA GLY B 42 -12.72 -20.77 -25.78
C GLY B 42 -12.01 -21.38 -26.96
N VAL B 43 -12.02 -22.70 -27.07
CA VAL B 43 -11.51 -23.34 -28.27
C VAL B 43 -12.39 -23.01 -29.47
N GLY B 44 -13.70 -23.02 -29.30
CA GLY B 44 -14.60 -22.63 -30.36
C GLY B 44 -14.63 -21.16 -30.68
N GLY B 45 -13.98 -20.33 -29.87
CA GLY B 45 -13.86 -18.93 -30.15
C GLY B 45 -12.52 -18.62 -30.79
N ILE B 46 -11.57 -19.55 -30.66
CA ILE B 46 -10.31 -19.44 -31.37
C ILE B 46 -10.39 -20.04 -32.76
N ALA B 47 -11.08 -21.17 -32.94
CA ALA B 47 -11.27 -21.78 -34.24
C ALA B 47 -12.17 -20.95 -35.16
N ILE B 48 -12.61 -19.78 -34.71
CA ILE B 48 -13.39 -18.87 -35.52
C ILE B 48 -12.66 -17.58 -35.86
N GLY B 49 -11.80 -17.09 -34.97
CA GLY B 49 -10.98 -15.94 -35.30
C GLY B 49 -9.82 -16.33 -36.19
N VAL B 50 -9.71 -17.62 -36.47
CA VAL B 50 -8.69 -18.14 -37.37
C VAL B 50 -9.34 -18.47 -38.71
N ILE B 51 -10.57 -18.97 -38.67
CA ILE B 51 -11.31 -19.28 -39.89
C ILE B 51 -12.12 -18.09 -40.38
N GLY B 52 -12.07 -16.98 -39.67
CA GLY B 52 -12.77 -15.77 -40.09
C GLY B 52 -12.06 -15.03 -41.20
N PRO B 53 -10.79 -14.65 -40.97
CA PRO B 53 -10.01 -14.05 -42.06
C PRO B 53 -9.90 -14.92 -43.28
N ARG B 54 -9.92 -16.24 -43.14
CA ARG B 54 -9.83 -17.14 -44.28
C ARG B 54 -11.11 -17.21 -45.09
N ILE B 55 -12.27 -17.11 -44.45
CA ILE B 55 -13.53 -16.94 -45.16
C ILE B 55 -13.66 -15.57 -45.78
N LEU B 56 -13.12 -14.53 -45.14
CA LEU B 56 -13.26 -13.17 -45.63
C LEU B 56 -12.32 -12.91 -46.81
N GLY B 57 -11.17 -13.58 -46.82
CA GLY B 57 -10.30 -13.53 -47.98
C GLY B 57 -10.87 -14.22 -49.19
N HIS B 58 -11.69 -15.25 -48.98
CA HIS B 58 -12.39 -15.85 -50.12
C HIS B 58 -13.37 -14.87 -50.72
N ALA B 59 -14.04 -14.07 -49.90
CA ALA B 59 -14.93 -13.04 -50.42
C ALA B 59 -14.17 -11.96 -51.17
N THR B 60 -13.05 -11.49 -50.62
CA THR B 60 -12.24 -10.49 -51.31
C THR B 60 -11.54 -11.04 -52.54
N ASP B 61 -11.44 -12.36 -52.66
CA ASP B 61 -10.86 -12.99 -53.84
C ASP B 61 -11.89 -13.27 -54.91
N LEU B 62 -13.16 -13.44 -54.54
CA LEU B 62 -14.24 -13.44 -55.51
C LEU B 62 -14.39 -12.12 -56.23
N LEU B 63 -14.05 -11.01 -55.59
CA LEU B 63 -14.06 -9.69 -56.22
C LEU B 63 -12.94 -9.51 -57.23
N PHE B 64 -11.71 -9.90 -56.86
CA PHE B 64 -10.56 -9.69 -57.73
C PHE B 64 -10.61 -10.58 -58.96
N ASN B 65 -11.08 -11.83 -58.80
CA ASN B 65 -11.32 -12.72 -59.91
C ASN B 65 -12.25 -12.13 -60.96
N GLY B 66 -13.28 -11.41 -60.53
CA GLY B 66 -14.24 -10.86 -61.45
C GLY B 66 -13.83 -9.50 -61.97
N VAL B 67 -12.98 -8.80 -61.23
CA VAL B 67 -12.52 -7.50 -61.69
C VAL B 67 -11.43 -7.62 -62.74
N ILE B 68 -10.44 -8.49 -62.55
CA ILE B 68 -9.42 -8.64 -63.58
C ILE B 68 -9.75 -9.88 -64.40
N GLY B 69 -11.02 -10.27 -64.41
CA GLY B 69 -11.46 -11.36 -65.23
C GLY B 69 -12.62 -10.98 -66.13
N ARG B 70 -13.07 -9.73 -66.03
CA ARG B 70 -14.09 -9.21 -66.92
C ARG B 70 -13.54 -8.30 -67.99
N GLU B 71 -12.28 -7.87 -67.88
CA GLU B 71 -11.61 -7.10 -68.91
C GLU B 71 -11.05 -7.99 -70.02
N LEU B 72 -10.92 -9.28 -69.77
CA LEU B 72 -10.47 -10.26 -70.74
C LEU B 72 -11.54 -10.52 -71.77
N PRO B 73 -11.16 -10.92 -72.99
CA PRO B 73 -12.16 -11.16 -74.05
C PRO B 73 -13.13 -12.27 -73.69
N ALA B 74 -14.43 -11.95 -73.72
CA ALA B 74 -15.45 -12.94 -73.42
C ALA B 74 -15.53 -13.96 -74.55
N GLY B 75 -15.48 -15.25 -74.19
CA GLY B 75 -15.51 -16.30 -75.17
C GLY B 75 -14.27 -17.17 -75.12
N LEU B 76 -13.20 -16.64 -74.53
CA LEU B 76 -11.96 -17.39 -74.36
C LEU B 76 -12.05 -18.22 -73.09
N THR B 77 -11.08 -19.10 -72.90
CA THR B 77 -10.94 -19.87 -71.68
C THR B 77 -9.75 -19.34 -70.88
N LYS B 78 -9.65 -19.76 -69.62
CA LYS B 78 -8.55 -19.36 -68.76
C LYS B 78 -7.19 -19.66 -69.38
N GLU B 79 -7.04 -20.77 -70.10
CA GLU B 79 -5.77 -21.10 -70.73
C GLU B 79 -5.45 -20.21 -71.91
N GLN B 80 -6.44 -19.96 -72.78
CA GLN B 80 -6.23 -19.08 -73.93
C GLN B 80 -5.95 -17.65 -73.51
N ALA B 81 -6.54 -17.18 -72.40
CA ALA B 81 -6.23 -15.86 -71.90
C ALA B 81 -4.79 -15.76 -71.43
N VAL B 82 -4.32 -16.76 -70.68
CA VAL B 82 -2.92 -16.77 -70.26
C VAL B 82 -2.00 -16.84 -71.46
N GLU B 83 -2.37 -17.62 -72.48
CA GLU B 83 -1.56 -17.70 -73.69
C GLU B 83 -1.47 -16.35 -74.38
N ALA B 84 -2.61 -15.66 -74.52
CA ALA B 84 -2.61 -14.36 -75.17
C ALA B 84 -1.80 -13.34 -74.36
N ALA B 85 -1.85 -13.45 -73.03
CA ALA B 85 -1.07 -12.56 -72.18
C ALA B 85 0.42 -12.80 -72.35
N ARG B 86 0.83 -14.07 -72.36
CA ARG B 86 2.22 -14.42 -72.64
C ARG B 86 2.67 -13.90 -73.99
N ALA B 87 1.79 -14.01 -75.00
CA ALA B 87 2.16 -13.68 -76.37
C ALA B 87 2.47 -12.19 -76.53
N ARG B 88 1.75 -11.34 -75.81
CA ARG B 88 1.88 -9.88 -75.94
C ARG B 88 2.81 -9.29 -74.90
N GLY B 89 3.81 -10.05 -74.47
CA GLY B 89 4.86 -9.52 -73.62
C GLY B 89 4.45 -9.16 -72.21
N ASP B 90 3.66 -10.02 -71.58
CA ASP B 90 3.29 -9.86 -70.17
C ASP B 90 3.67 -11.13 -69.43
N GLY B 91 4.91 -11.18 -68.94
CA GLY B 91 5.38 -12.36 -68.25
C GLY B 91 4.79 -12.51 -66.87
N THR B 92 4.59 -11.38 -66.18
CA THR B 92 4.08 -11.41 -64.81
C THR B 92 2.56 -11.39 -64.74
N PHE B 93 1.91 -10.58 -65.58
CA PHE B 93 0.45 -10.55 -65.57
C PHE B 93 -0.15 -11.87 -66.05
N ALA B 94 0.52 -12.57 -66.95
CA ALA B 94 0.06 -13.89 -67.36
C ALA B 94 0.18 -14.90 -66.23
N ASP B 95 1.25 -14.86 -65.45
CA ASP B 95 1.35 -15.70 -64.26
C ASP B 95 0.26 -15.36 -63.24
N LEU B 96 -0.01 -14.06 -63.07
CA LEU B 96 -1.14 -13.63 -62.24
C LEU B 96 -2.44 -14.29 -62.70
N LEU B 97 -2.73 -14.20 -64.00
CA LEU B 97 -3.96 -14.80 -64.52
C LEU B 97 -3.97 -16.31 -64.35
N SER B 98 -2.81 -16.96 -64.51
CA SER B 98 -2.72 -18.40 -64.37
C SER B 98 -2.97 -18.89 -62.96
N GLY B 99 -2.37 -18.25 -61.96
CA GLY B 99 -2.63 -18.64 -60.59
C GLY B 99 -3.87 -17.98 -60.02
N MET B 100 -4.99 -18.10 -60.73
CA MET B 100 -6.20 -17.37 -60.36
C MET B 100 -7.40 -18.00 -61.06
N ASP B 101 -8.34 -18.52 -60.27
CA ASP B 101 -9.51 -19.20 -60.84
C ASP B 101 -10.46 -18.15 -61.42
N ILE B 102 -10.20 -17.78 -62.67
CA ILE B 102 -11.00 -16.77 -63.37
C ILE B 102 -11.75 -17.43 -64.53
N VAL B 103 -12.60 -16.65 -65.19
CA VAL B 103 -13.25 -17.04 -66.43
C VAL B 103 -13.46 -15.78 -67.26
N PRO B 104 -12.87 -15.68 -68.44
CA PRO B 104 -12.93 -14.42 -69.19
C PRO B 104 -14.33 -14.01 -69.59
N GLY B 105 -14.81 -12.89 -69.05
CA GLY B 105 -16.08 -12.30 -69.44
C GLY B 105 -17.04 -12.07 -68.29
N GLN B 106 -16.98 -12.91 -67.26
CA GLN B 106 -17.93 -12.82 -66.17
C GLN B 106 -17.55 -11.73 -65.18
N GLY B 107 -18.55 -11.25 -64.46
CA GLY B 107 -18.37 -10.21 -63.46
C GLY B 107 -18.03 -10.74 -62.09
N VAL B 108 -18.68 -10.18 -61.07
CA VAL B 108 -18.30 -10.45 -59.68
C VAL B 108 -19.10 -11.62 -59.11
N ASP B 109 -20.34 -11.80 -59.58
CA ASP B 109 -21.25 -12.82 -59.06
C ASP B 109 -21.51 -12.59 -57.56
N PHE B 110 -22.17 -11.47 -57.28
CA PHE B 110 -22.45 -11.08 -55.90
C PHE B 110 -23.29 -12.10 -55.14
N GLY B 111 -23.80 -13.14 -55.79
CA GLY B 111 -24.42 -14.21 -55.04
C GLY B 111 -23.41 -14.93 -54.15
N ALA B 112 -22.25 -15.26 -54.71
CA ALA B 112 -21.23 -15.94 -53.94
C ALA B 112 -20.62 -15.01 -52.89
N VAL B 113 -20.40 -13.74 -53.25
CA VAL B 113 -19.90 -12.77 -52.28
C VAL B 113 -20.90 -12.60 -51.14
N GLY B 114 -22.19 -12.53 -51.47
CA GLY B 114 -23.20 -12.38 -50.44
C GLY B 114 -23.27 -13.59 -49.52
N ARG B 115 -23.20 -14.79 -50.08
CA ARG B 115 -23.22 -15.98 -49.23
C ARG B 115 -21.97 -16.08 -48.36
N THR B 116 -20.80 -15.79 -48.93
CA THR B 116 -19.57 -15.83 -48.15
C THR B 116 -19.60 -14.81 -47.03
N LEU B 117 -20.05 -13.59 -47.30
CA LEU B 117 -20.12 -12.58 -46.25
C LEU B 117 -21.20 -12.85 -45.24
N ALA B 118 -22.31 -13.50 -45.65
CA ALA B 118 -23.31 -13.91 -44.68
C ALA B 118 -22.78 -14.98 -43.75
N LEU B 119 -22.01 -15.94 -44.28
CA LEU B 119 -21.35 -16.90 -43.41
C LEU B 119 -20.37 -16.23 -42.47
N ALA B 120 -19.55 -15.31 -43.00
CA ALA B 120 -18.58 -14.62 -42.16
C ALA B 120 -19.25 -13.80 -41.08
N LEU B 121 -20.38 -13.16 -41.40
CA LEU B 121 -21.10 -12.36 -40.42
C LEU B 121 -21.80 -13.21 -39.37
N GLY B 122 -22.50 -14.26 -39.79
CA GLY B 122 -23.15 -15.14 -38.83
C GLY B 122 -22.18 -15.95 -38.01
N LEU B 123 -20.93 -16.03 -38.43
CA LEU B 123 -19.90 -16.77 -37.71
C LEU B 123 -19.00 -15.87 -36.86
N TYR B 124 -18.93 -14.58 -37.21
CA TYR B 124 -18.41 -13.56 -36.32
C TYR B 124 -19.39 -13.16 -35.23
N LEU B 125 -20.68 -13.35 -35.44
CA LEU B 125 -21.69 -13.03 -34.45
C LEU B 125 -21.80 -14.10 -33.38
N VAL B 126 -21.32 -15.31 -33.68
CA VAL B 126 -21.27 -16.41 -32.72
C VAL B 126 -19.99 -16.39 -31.89
N ALA B 127 -18.86 -16.03 -32.48
CA ALA B 127 -17.59 -15.96 -31.77
C ALA B 127 -17.57 -14.89 -30.69
N ALA B 128 -18.39 -13.86 -30.79
CA ALA B 128 -18.50 -12.86 -29.75
C ALA B 128 -19.53 -13.22 -28.70
N LEU B 129 -20.25 -14.32 -28.91
CA LEU B 129 -21.10 -14.90 -27.88
C LEU B 129 -20.37 -15.97 -27.07
N LEU B 130 -19.58 -16.81 -27.72
CA LEU B 130 -18.73 -17.79 -27.07
C LEU B 130 -17.62 -17.16 -26.26
N VAL B 131 -17.24 -15.93 -26.55
CA VAL B 131 -16.27 -15.20 -25.73
C VAL B 131 -16.93 -14.48 -24.57
N TRP B 132 -18.09 -13.88 -24.75
CA TRP B 132 -18.83 -13.30 -23.63
C TRP B 132 -19.19 -14.37 -22.61
N VAL B 133 -19.78 -15.47 -23.06
CA VAL B 133 -20.18 -16.53 -22.14
C VAL B 133 -18.98 -17.17 -21.46
N GLN B 134 -17.84 -17.27 -22.16
CA GLN B 134 -16.61 -17.72 -21.53
C GLN B 134 -16.12 -16.77 -20.45
N ALA B 135 -16.06 -15.47 -20.72
CA ALA B 135 -15.60 -14.53 -19.72
C ALA B 135 -16.56 -14.45 -18.55
N ARG B 136 -17.83 -14.77 -18.77
CA ARG B 136 -18.79 -14.82 -17.67
C ARG B 136 -18.68 -16.10 -16.85
N LEU B 137 -18.49 -17.25 -17.50
CA LEU B 137 -18.31 -18.50 -16.77
C LEU B 137 -16.93 -18.62 -16.14
N LEU B 138 -15.93 -17.93 -16.68
CA LEU B 138 -14.60 -17.92 -16.09
C LEU B 138 -14.54 -17.03 -14.86
N ASN B 139 -15.38 -16.01 -14.80
CA ASN B 139 -15.48 -15.17 -13.61
C ASN B 139 -16.29 -15.79 -12.50
N VAL B 140 -17.21 -16.70 -12.80
CA VAL B 140 -17.95 -17.39 -11.74
C VAL B 140 -17.10 -18.47 -11.11
N THR B 141 -16.34 -19.22 -11.91
CA THR B 141 -15.52 -20.30 -11.37
C THR B 141 -14.25 -19.81 -10.68
N VAL B 142 -13.76 -18.61 -11.01
CA VAL B 142 -12.62 -18.06 -10.32
C VAL B 142 -13.01 -17.35 -9.03
N GLN B 143 -14.11 -16.61 -9.03
CA GLN B 143 -14.58 -15.89 -7.85
C GLN B 143 -15.41 -16.82 -6.98
N ARG B 144 -15.20 -18.11 -7.16
CA ARG B 144 -15.80 -19.17 -6.34
C ARG B 144 -14.78 -20.09 -5.71
N THR B 145 -13.63 -20.34 -6.35
CA THR B 145 -12.52 -21.02 -5.71
C THR B 145 -11.69 -20.09 -4.85
N MET B 146 -11.79 -18.77 -5.05
CA MET B 146 -11.18 -17.81 -4.15
C MET B 146 -11.99 -17.61 -2.88
N VAL B 147 -13.32 -17.57 -2.99
CA VAL B 147 -14.16 -17.50 -1.80
C VAL B 147 -14.04 -18.75 -0.94
N ALA B 148 -13.59 -19.86 -1.51
CA ALA B 148 -13.38 -21.08 -0.76
C ALA B 148 -11.93 -21.28 -0.33
N LEU B 149 -10.98 -20.70 -1.04
CA LEU B 149 -9.60 -20.68 -0.59
C LEU B 149 -9.39 -19.70 0.56
N ARG B 150 -9.79 -18.45 0.36
CA ARG B 150 -9.65 -17.40 1.35
C ARG B 150 -10.50 -17.65 2.59
N ALA B 151 -11.42 -18.61 2.55
CA ALA B 151 -12.28 -18.91 3.68
C ALA B 151 -11.84 -20.13 4.46
N GLU B 152 -10.95 -20.95 3.91
CA GLU B 152 -10.32 -22.00 4.70
C GLU B 152 -8.97 -21.57 5.23
N VAL B 153 -8.39 -20.49 4.68
CA VAL B 153 -7.27 -19.84 5.35
C VAL B 153 -7.72 -19.22 6.65
N GLN B 154 -8.90 -18.60 6.64
CA GLN B 154 -9.49 -18.02 7.84
C GLN B 154 -9.71 -19.07 8.93
N GLU B 155 -10.33 -20.19 8.59
CA GLU B 155 -10.52 -21.24 9.56
C GLU B 155 -9.24 -21.97 9.92
N LYS B 156 -8.14 -21.67 9.23
CA LYS B 156 -6.86 -22.27 9.58
C LYS B 156 -6.16 -21.44 10.65
N ILE B 157 -6.28 -20.11 10.54
CA ILE B 157 -5.67 -19.16 11.47
C ILE B 157 -6.19 -19.39 12.88
N HIS B 158 -7.45 -19.78 13.00
CA HIS B 158 -8.06 -20.00 14.31
C HIS B 158 -7.82 -21.41 14.83
N ARG B 159 -7.08 -22.24 14.08
CA ARG B 159 -6.74 -23.58 14.52
C ARG B 159 -5.25 -23.76 14.79
N LEU B 160 -4.41 -22.84 14.36
CA LEU B 160 -2.98 -22.98 14.57
C LEU B 160 -2.62 -22.65 16.01
N PRO B 161 -1.58 -23.27 16.58
CA PRO B 161 -1.14 -22.90 17.91
C PRO B 161 -0.36 -21.60 17.87
N LEU B 162 -0.31 -20.93 19.03
CA LEU B 162 0.40 -19.66 19.11
C LEU B 162 1.88 -19.78 18.79
N SER B 163 2.46 -20.99 18.91
CA SER B 163 3.86 -21.21 18.57
C SER B 163 4.12 -21.07 17.08
N TYR B 164 3.09 -21.04 16.25
CA TYR B 164 3.25 -20.84 14.82
C TYR B 164 3.34 -19.38 14.43
N PHE B 165 2.67 -18.49 15.16
CA PHE B 165 2.59 -17.09 14.78
C PHE B 165 3.74 -16.25 15.30
N ASP B 166 4.30 -16.60 16.45
CA ASP B 166 5.39 -15.83 17.04
C ASP B 166 6.75 -16.48 16.83
N SER B 167 6.82 -17.55 16.04
CA SER B 167 8.08 -18.11 15.58
C SER B 167 8.38 -17.74 14.14
N ARG B 168 7.49 -16.99 13.50
CA ARG B 168 7.66 -16.54 12.13
C ARG B 168 8.10 -15.08 12.12
N GLN B 169 8.49 -14.60 10.95
CA GLN B 169 8.86 -13.20 10.81
C GLN B 169 7.63 -12.31 11.00
N ARG B 170 7.89 -11.00 11.07
CA ARG B 170 6.83 -10.06 11.42
C ARG B 170 5.70 -10.09 10.38
N GLY B 171 6.00 -9.71 9.15
CA GLY B 171 4.98 -9.64 8.12
C GLY B 171 4.82 -10.92 7.33
N GLU B 172 5.47 -11.99 7.78
CA GLU B 172 5.47 -13.25 7.05
C GLU B 172 4.06 -13.81 6.90
N VAL B 173 3.40 -14.12 8.02
CA VAL B 173 2.09 -14.75 7.93
C VAL B 173 1.06 -13.78 7.40
N LEU B 174 1.29 -12.47 7.58
CA LEU B 174 0.36 -11.48 7.03
C LEU B 174 0.41 -11.50 5.52
N SER B 175 1.57 -11.21 4.92
CA SER B 175 1.67 -11.23 3.47
C SER B 175 1.86 -12.66 2.97
N ARG B 176 1.02 -13.57 3.45
CA ARG B 176 0.90 -14.91 2.92
C ARG B 176 -0.57 -15.27 2.85
N VAL B 177 -1.38 -14.58 3.66
CA VAL B 177 -2.83 -14.73 3.64
C VAL B 177 -3.49 -13.59 2.87
N THR B 178 -2.75 -12.53 2.57
CA THR B 178 -3.34 -11.36 1.92
C THR B 178 -2.69 -10.98 0.60
N ASN B 179 -1.39 -11.21 0.41
CA ASN B 179 -0.74 -10.96 -0.86
C ASN B 179 -0.50 -12.22 -1.68
N ASP B 180 -0.35 -13.37 -1.04
CA ASP B 180 -0.21 -14.62 -1.78
C ASP B 180 -1.56 -15.19 -2.19
N VAL B 181 -2.67 -14.66 -1.68
CA VAL B 181 -3.99 -15.12 -2.07
C VAL B 181 -4.49 -14.19 -3.17
N ASP B 182 -3.85 -13.03 -3.31
CA ASP B 182 -4.09 -12.16 -4.45
C ASP B 182 -3.27 -12.54 -5.67
N ASN B 183 -2.17 -13.27 -5.50
CA ASN B 183 -1.40 -13.76 -6.63
C ASN B 183 -1.91 -15.10 -7.13
N ILE B 184 -2.56 -15.89 -6.29
CA ILE B 184 -3.23 -17.10 -6.75
C ILE B 184 -4.44 -16.77 -7.62
N GLN B 185 -5.15 -15.69 -7.32
CA GLN B 185 -6.30 -15.31 -8.13
C GLN B 185 -5.85 -14.80 -9.50
N ASN B 186 -4.80 -13.96 -9.50
CA ASN B 186 -4.26 -13.39 -10.72
C ASN B 186 -3.43 -14.41 -11.48
N SER B 187 -3.49 -15.67 -11.07
CA SER B 187 -2.81 -16.75 -11.77
C SER B 187 -3.79 -17.88 -12.07
N VAL B 188 -4.90 -17.91 -11.35
CA VAL B 188 -6.01 -18.81 -11.70
C VAL B 188 -6.90 -18.22 -12.77
N SER B 189 -7.08 -16.90 -12.82
CA SER B 189 -7.62 -16.27 -14.02
C SER B 189 -6.53 -15.41 -14.60
N MET B 190 -5.52 -16.05 -15.19
CA MET B 190 -4.65 -15.48 -16.19
C MET B 190 -4.24 -16.59 -17.14
N THR B 191 -4.47 -17.83 -16.71
CA THR B 191 -3.91 -19.01 -17.37
C THR B 191 -5.04 -19.93 -17.81
N ILE B 192 -6.26 -19.42 -17.73
CA ILE B 192 -7.42 -20.10 -18.28
C ILE B 192 -8.16 -19.06 -19.13
N SER B 193 -7.72 -17.81 -19.02
CA SER B 193 -8.29 -16.70 -19.76
C SER B 193 -7.32 -16.05 -20.73
N GLN B 194 -6.09 -15.76 -20.31
CA GLN B 194 -5.19 -14.97 -21.14
C GLN B 194 -4.04 -15.83 -21.65
N LEU B 195 -3.69 -16.89 -20.91
CA LEU B 195 -2.79 -17.86 -21.50
C LEU B 195 -3.46 -19.24 -21.38
N LEU B 196 -4.49 -19.43 -22.20
CA LEU B 196 -4.88 -20.72 -22.72
C LEU B 196 -5.34 -20.44 -24.14
N THR B 197 -5.74 -19.19 -24.37
CA THR B 197 -6.21 -18.69 -25.65
C THR B 197 -5.09 -18.07 -26.45
N SER B 198 -4.09 -17.51 -25.78
CA SER B 198 -2.93 -16.92 -26.46
C SER B 198 -1.84 -17.95 -26.67
N VAL B 199 -2.22 -19.23 -26.61
CA VAL B 199 -1.36 -20.33 -27.03
C VAL B 199 -2.08 -21.03 -28.17
N LEU B 200 -3.42 -20.97 -28.13
CA LEU B 200 -4.19 -21.45 -29.26
C LEU B 200 -4.15 -20.46 -30.43
N THR B 201 -4.16 -19.16 -30.15
CA THR B 201 -3.92 -18.15 -31.17
C THR B 201 -2.45 -17.95 -31.44
N VAL B 202 -1.63 -18.93 -31.08
CA VAL B 202 -0.27 -19.03 -31.59
C VAL B 202 0.00 -20.35 -32.28
N PHE B 203 -0.69 -21.43 -31.91
CA PHE B 203 -0.57 -22.68 -32.66
C PHE B 203 -1.51 -22.72 -33.86
N ALA B 204 -2.76 -22.29 -33.71
CA ALA B 204 -3.71 -22.37 -34.81
C ALA B 204 -3.47 -21.28 -35.84
N VAL B 205 -3.16 -20.07 -35.40
CA VAL B 205 -2.95 -18.96 -36.34
C VAL B 205 -1.65 -19.21 -37.08
N LEU B 206 -0.85 -20.16 -36.59
CA LEU B 206 0.39 -20.51 -37.25
C LEU B 206 0.24 -21.72 -38.16
N VAL B 207 -0.51 -22.73 -37.76
CA VAL B 207 -0.82 -23.83 -38.66
C VAL B 207 -1.72 -23.40 -39.81
N MET B 208 -2.52 -22.35 -39.63
CA MET B 208 -3.34 -21.83 -40.72
C MET B 208 -2.54 -21.03 -41.73
N MET B 209 -1.41 -20.44 -41.32
CA MET B 209 -0.58 -19.70 -42.25
C MET B 209 0.68 -20.45 -42.64
N LEU B 210 0.80 -21.72 -42.28
CA LEU B 210 1.64 -22.66 -43.00
C LEU B 210 0.94 -23.27 -44.19
N THR B 211 -0.39 -23.19 -44.24
CA THR B 211 -1.17 -23.66 -45.38
C THR B 211 -1.29 -22.59 -46.46
N ILE B 212 -1.18 -21.32 -46.11
CA ILE B 212 -1.18 -20.24 -47.10
C ILE B 212 0.17 -20.14 -47.78
N SER B 213 1.22 -19.94 -47.01
CA SER B 213 2.57 -19.89 -47.54
C SER B 213 3.57 -20.20 -46.44
N PRO B 214 4.37 -21.26 -46.59
CA PRO B 214 5.43 -21.53 -45.61
C PRO B 214 6.63 -20.62 -45.73
N LEU B 215 6.73 -19.83 -46.80
CA LEU B 215 7.80 -18.84 -46.92
C LEU B 215 7.45 -17.57 -46.16
N LEU B 216 6.18 -17.18 -46.14
CA LEU B 216 5.75 -15.98 -45.46
C LEU B 216 5.65 -16.16 -43.95
N THR B 217 5.26 -17.34 -43.48
CA THR B 217 5.25 -17.63 -42.05
C THR B 217 6.65 -17.78 -41.49
N LEU B 218 7.66 -17.84 -42.36
CA LEU B 218 9.04 -17.77 -41.94
C LEU B 218 9.52 -16.35 -41.69
N PHE B 219 8.93 -15.37 -42.36
CA PHE B 219 9.21 -13.97 -42.10
C PHE B 219 8.45 -13.45 -40.89
N THR B 220 7.59 -14.27 -40.29
CA THR B 220 6.79 -13.86 -39.15
C THR B 220 7.26 -14.48 -37.83
N VAL B 221 7.72 -15.73 -37.84
CA VAL B 221 8.22 -16.38 -36.63
C VAL B 221 9.68 -16.05 -36.37
N VAL B 222 10.31 -15.22 -37.20
CA VAL B 222 11.67 -14.78 -36.97
C VAL B 222 11.58 -13.37 -36.40
N THR B 223 10.43 -13.06 -35.81
CA THR B 223 10.29 -11.89 -34.96
C THR B 223 9.87 -12.31 -33.56
N VAL B 224 9.90 -13.61 -33.29
CA VAL B 224 9.90 -14.09 -31.91
C VAL B 224 11.34 -14.00 -31.38
N PRO B 225 12.36 -14.52 -32.10
CA PRO B 225 13.73 -14.34 -31.60
C PRO B 225 14.15 -12.88 -31.52
N ALA B 226 13.92 -12.12 -32.59
CA ALA B 226 14.36 -10.73 -32.63
C ALA B 226 13.62 -9.84 -31.64
N SER B 227 12.36 -10.13 -31.35
CA SER B 227 11.60 -9.31 -30.41
C SER B 227 11.66 -9.83 -28.98
N LEU B 228 12.21 -11.03 -28.76
CA LEU B 228 12.52 -11.48 -27.42
C LEU B 228 13.97 -11.25 -27.04
N TRP B 229 14.85 -11.03 -28.01
CA TRP B 229 16.23 -10.69 -27.71
C TRP B 229 16.40 -9.22 -27.35
N VAL B 230 15.73 -8.32 -28.06
CA VAL B 230 15.89 -6.90 -27.80
C VAL B 230 15.06 -6.45 -26.59
N THR B 231 14.09 -7.25 -26.15
CA THR B 231 13.31 -6.96 -24.94
C THR B 231 14.02 -7.66 -23.79
N ARG B 232 15.26 -8.06 -24.05
CA ARG B 232 16.11 -8.69 -23.05
C ARG B 232 17.45 -7.98 -23.03
N TRP B 233 17.79 -7.35 -24.16
CA TRP B 233 18.95 -6.47 -24.22
C TRP B 233 18.68 -5.12 -23.59
N ILE B 234 17.48 -4.58 -23.75
CA ILE B 234 17.09 -3.31 -23.14
C ILE B 234 16.88 -3.47 -21.64
N THR B 235 16.38 -4.63 -21.20
CA THR B 235 16.09 -4.83 -19.79
C THR B 235 17.26 -5.45 -19.06
N ARG B 236 18.47 -5.32 -19.61
CA ARG B 236 19.68 -5.66 -18.89
C ARG B 236 20.71 -4.56 -19.15
N ARG B 237 20.35 -3.61 -20.00
CA ARG B 237 21.14 -2.41 -20.24
C ARG B 237 20.53 -1.23 -19.49
N SER B 238 19.32 -1.40 -18.96
CA SER B 238 18.63 -0.41 -18.15
C SER B 238 18.48 -1.02 -16.75
N GLN B 239 19.32 -1.99 -16.46
CA GLN B 239 19.41 -2.57 -15.12
C GLN B 239 20.22 -1.67 -14.18
N PRO B 240 21.35 -1.10 -14.61
CA PRO B 240 22.01 -0.08 -13.78
C PRO B 240 21.24 1.23 -13.65
N LEU B 241 20.03 1.32 -14.21
CA LEU B 241 19.16 2.47 -14.06
C LEU B 241 18.02 2.22 -13.09
N PHE B 242 17.66 0.96 -12.82
CA PHE B 242 16.71 0.60 -11.80
C PHE B 242 17.37 0.46 -10.43
N VAL B 243 18.69 0.56 -10.37
CA VAL B 243 19.43 0.44 -9.11
C VAL B 243 20.13 1.77 -8.85
N ALA B 244 19.87 2.75 -9.71
CA ALA B 244 20.16 4.15 -9.42
C ALA B 244 18.88 4.94 -9.26
N GLN B 245 17.75 4.24 -9.22
CA GLN B 245 16.43 4.84 -9.06
C GLN B 245 15.62 4.22 -7.95
N TRP B 246 15.94 3.01 -7.51
CA TRP B 246 15.37 2.44 -6.29
C TRP B 246 16.11 2.90 -5.04
N ARG B 247 17.44 3.04 -5.11
CA ARG B 247 18.21 3.57 -3.99
C ARG B 247 18.29 5.08 -4.00
N ASN B 248 17.74 5.73 -5.02
CA ASN B 248 17.69 7.18 -5.07
C ASN B 248 16.32 7.72 -4.72
N THR B 249 15.27 6.90 -4.82
CA THR B 249 14.00 7.18 -4.16
C THR B 249 13.99 6.70 -2.73
N GLY B 250 14.77 5.68 -2.39
CA GLY B 250 14.90 5.23 -1.03
C GLY B 250 15.70 6.12 -0.12
N ARG B 251 16.43 7.08 -0.68
CA ARG B 251 17.03 8.14 0.12
C ARG B 251 16.08 9.31 0.31
N LEU B 252 15.30 9.64 -0.72
CA LEU B 252 14.25 10.65 -0.57
C LEU B 252 13.21 10.23 0.45
N ALA B 253 12.75 8.98 0.38
CA ALA B 253 11.75 8.48 1.31
C ALA B 253 12.30 8.28 2.72
N ALA B 254 13.61 8.17 2.87
CA ALA B 254 14.23 8.14 4.19
C ALA B 254 14.45 9.52 4.77
N HIS B 255 14.75 10.51 3.94
CA HIS B 255 14.79 11.89 4.40
C HIS B 255 13.40 12.36 4.82
N LEU B 256 12.39 12.09 3.98
CA LEU B 256 11.03 12.49 4.30
C LEU B 256 10.55 11.82 5.57
N GLU B 257 10.87 10.54 5.73
CA GLU B 257 10.45 9.79 6.91
C GLU B 257 10.98 10.40 8.20
N GLU B 258 12.21 10.91 8.21
CA GLU B 258 12.76 11.49 9.42
C GLU B 258 12.48 12.97 9.58
N THR B 259 12.19 13.69 8.49
CA THR B 259 11.77 15.08 8.62
C THR B 259 10.28 15.20 8.93
N TYR B 260 9.50 14.15 8.72
CA TYR B 260 8.12 14.10 9.17
C TYR B 260 7.96 13.51 10.56
N SER B 261 8.78 12.54 10.94
CA SER B 261 8.71 11.96 12.27
C SER B 261 9.34 12.84 13.33
N GLY B 262 10.39 13.59 13.00
CA GLY B 262 11.00 14.50 13.94
C GLY B 262 10.61 15.92 13.60
N PHE B 263 9.34 16.11 13.24
CA PHE B 263 8.89 17.38 12.68
C PHE B 263 8.90 18.52 13.69
N THR B 264 8.65 18.24 14.96
CA THR B 264 8.71 19.28 15.99
C THR B 264 10.13 19.53 16.45
N ILE B 265 11.09 18.72 16.01
CA ILE B 265 12.50 18.96 16.24
C ILE B 265 13.17 19.60 15.03
N VAL B 266 12.64 19.37 13.83
CA VAL B 266 13.03 20.10 12.62
C VAL B 266 12.50 21.52 12.73
N LYS B 267 11.21 21.64 13.05
CA LYS B 267 10.52 22.91 13.23
C LYS B 267 11.20 23.77 14.27
N THR B 268 11.24 23.29 15.51
CA THR B 268 12.08 23.89 16.52
C THR B 268 13.54 23.67 16.13
N PHE B 269 14.46 24.39 16.79
CA PHE B 269 15.89 24.31 16.50
C PHE B 269 16.19 24.91 15.13
N GLY B 270 15.16 25.33 14.40
CA GLY B 270 15.31 26.16 13.23
C GLY B 270 15.61 25.44 11.94
N HIS B 271 15.83 24.13 11.97
CA HIS B 271 16.29 23.46 10.76
C HIS B 271 15.15 23.11 9.80
N ARG B 272 14.31 24.08 9.48
CA ARG B 272 13.37 23.94 8.38
C ARG B 272 14.04 24.15 7.03
N GLU B 273 14.92 25.16 6.94
CA GLU B 273 15.58 25.45 5.67
C GLU B 273 16.66 24.41 5.37
N ALA B 274 17.39 23.96 6.37
CA ALA B 274 18.40 22.94 6.14
C ALA B 274 17.78 21.61 5.74
N ALA B 275 16.54 21.36 6.15
CA ALA B 275 15.84 20.13 5.75
C ALA B 275 15.05 20.31 4.47
N ALA B 276 14.74 21.54 4.09
CA ALA B 276 14.08 21.81 2.82
C ALA B 276 15.06 21.93 1.66
N GLY B 277 16.30 22.31 1.93
CA GLY B 277 17.32 22.36 0.90
C GLY B 277 17.89 21.00 0.61
N LYS B 278 17.96 20.13 1.62
CA LYS B 278 18.34 18.75 1.39
C LYS B 278 17.27 18.00 0.61
N PHE B 279 16.00 18.38 0.79
CA PHE B 279 14.95 17.82 -0.04
C PHE B 279 15.05 18.32 -1.46
N ALA B 280 15.41 19.58 -1.66
CA ALA B 280 15.59 20.08 -3.02
C ALA B 280 16.71 19.35 -3.74
N GLU B 281 17.72 18.88 -3.02
CA GLU B 281 18.77 18.06 -3.60
C GLU B 281 18.28 16.65 -3.88
N LEU B 282 17.74 15.96 -2.87
CA LEU B 282 17.27 14.60 -3.05
C LEU B 282 16.10 14.48 -4.02
N ASN B 283 15.42 15.58 -4.33
CA ASN B 283 14.25 15.53 -5.20
C ASN B 283 14.63 15.77 -6.66
N SER B 284 15.59 16.65 -6.91
CA SER B 284 16.07 16.90 -8.25
C SER B 284 17.24 15.97 -8.54
N GLU B 285 17.28 14.84 -7.84
CA GLU B 285 18.30 13.82 -8.01
C GLU B 285 17.60 12.48 -8.15
N THR B 286 16.33 12.45 -7.78
CA THR B 286 15.43 11.35 -8.10
C THR B 286 14.56 11.66 -9.32
N GLN B 287 14.48 12.92 -9.73
CA GLN B 287 13.92 13.23 -11.05
C GLN B 287 14.85 12.77 -12.15
N GLN B 288 16.13 13.11 -12.05
CA GLN B 288 17.08 12.78 -13.10
C GLN B 288 17.30 11.28 -13.21
N SER B 289 17.20 10.56 -12.10
CA SER B 289 17.44 9.12 -12.09
C SER B 289 16.19 8.31 -12.38
N SER B 290 15.01 8.92 -12.28
CA SER B 290 13.77 8.27 -12.67
C SER B 290 13.45 8.48 -14.14
N PHE B 291 13.76 9.65 -14.70
CA PHE B 291 13.69 9.85 -16.14
C PHE B 291 14.57 8.86 -16.88
N GLY B 292 15.80 8.70 -16.43
CA GLY B 292 16.74 7.82 -17.08
C GLY B 292 16.33 6.36 -17.08
N ALA B 293 15.56 5.95 -16.08
CA ALA B 293 15.09 4.58 -15.99
C ALA B 293 13.69 4.39 -16.53
N GLN B 294 12.95 5.48 -16.73
CA GLN B 294 11.59 5.41 -17.25
C GLN B 294 11.55 5.62 -18.75
N PHE B 295 12.61 6.20 -19.31
CA PHE B 295 12.82 6.27 -20.75
C PHE B 295 13.28 4.94 -21.32
N PHE B 296 14.32 4.35 -20.73
CA PHE B 296 14.82 3.07 -21.22
C PHE B 296 13.87 1.92 -20.94
N SER B 297 13.10 1.99 -19.86
CA SER B 297 12.06 0.99 -19.64
C SER B 297 10.84 1.22 -20.51
N GLY B 298 10.73 2.39 -21.14
CA GLY B 298 9.62 2.72 -21.99
C GLY B 298 9.88 2.58 -23.46
N LEU B 299 11.13 2.52 -23.88
CA LEU B 299 11.45 2.31 -25.30
C LEU B 299 11.53 0.82 -25.65
N VAL B 300 10.85 -0.02 -24.89
CA VAL B 300 10.78 -1.44 -25.19
C VAL B 300 9.53 -1.76 -26.01
N SER B 301 8.51 -0.92 -25.93
CA SER B 301 7.34 -1.05 -26.79
C SER B 301 7.59 -0.44 -28.17
N PRO B 302 8.20 0.75 -28.28
CA PRO B 302 8.59 1.24 -29.61
C PRO B 302 9.60 0.37 -30.33
N ALA B 303 10.30 -0.52 -29.61
CA ALA B 303 11.28 -1.39 -30.24
C ALA B 303 10.71 -2.75 -30.63
N THR B 304 9.69 -3.23 -29.93
CA THR B 304 9.01 -4.45 -30.33
C THR B 304 7.98 -4.21 -31.41
N MET B 305 7.71 -2.94 -31.75
CA MET B 305 6.81 -2.60 -32.84
C MET B 305 7.56 -2.16 -34.08
N PHE B 306 8.84 -1.82 -33.96
CA PHE B 306 9.71 -1.65 -35.11
C PHE B 306 10.04 -2.99 -35.76
N ILE B 307 10.40 -3.99 -34.95
CA ILE B 307 10.59 -5.34 -35.46
C ILE B 307 9.29 -5.95 -35.96
N GLY B 308 8.15 -5.52 -35.43
CA GLY B 308 6.87 -6.02 -35.89
C GLY B 308 6.42 -5.40 -37.18
N ASN B 309 6.94 -4.21 -37.48
CA ASN B 309 6.68 -3.55 -38.76
C ASN B 309 7.70 -3.91 -39.82
N LEU B 310 8.90 -4.35 -39.43
CA LEU B 310 9.83 -4.91 -40.40
C LEU B 310 9.41 -6.28 -40.91
N SER B 311 8.57 -7.01 -40.15
CA SER B 311 8.04 -8.28 -40.59
C SER B 311 6.72 -8.08 -41.28
N TYR B 312 6.24 -6.84 -41.27
CA TYR B 312 5.12 -6.47 -42.11
C TYR B 312 5.55 -5.92 -43.46
N VAL B 313 6.62 -5.11 -43.53
CA VAL B 313 7.20 -4.76 -44.82
C VAL B 313 7.69 -5.97 -45.58
N ALA B 314 8.24 -6.96 -44.88
CA ALA B 314 8.67 -8.20 -45.53
C ALA B 314 7.51 -9.02 -46.07
N VAL B 315 6.47 -9.23 -45.28
CA VAL B 315 5.30 -9.95 -45.77
C VAL B 315 4.61 -9.21 -46.90
N ALA B 316 4.34 -7.91 -46.74
CA ALA B 316 3.61 -7.17 -47.77
C ALA B 316 4.37 -7.15 -49.09
N VAL B 317 5.71 -7.11 -49.04
CA VAL B 317 6.48 -7.08 -50.26
C VAL B 317 6.62 -8.49 -50.86
N VAL B 318 7.10 -9.46 -50.08
CA VAL B 318 7.32 -10.78 -50.64
C VAL B 318 6.02 -11.48 -51.00
N GLY B 319 5.08 -11.59 -50.07
CA GLY B 319 3.80 -12.18 -50.39
C GLY B 319 2.99 -11.42 -51.40
N GLY B 320 3.26 -10.12 -51.56
CA GLY B 320 2.74 -9.38 -52.69
C GLY B 320 3.55 -9.55 -53.94
N LEU B 321 4.84 -9.85 -53.81
CA LEU B 321 5.66 -10.32 -54.92
C LEU B 321 5.35 -11.75 -55.30
N GLN B 322 4.63 -12.47 -54.42
CA GLN B 322 4.28 -13.86 -54.62
C GLN B 322 2.84 -14.03 -55.11
N VAL B 323 2.00 -13.01 -54.95
CA VAL B 323 0.68 -13.03 -55.58
C VAL B 323 0.79 -12.66 -57.06
N ALA B 324 1.64 -11.66 -57.37
CA ALA B 324 1.81 -11.23 -58.75
C ALA B 324 2.39 -12.31 -59.64
N THR B 325 2.97 -13.37 -59.05
CA THR B 325 3.48 -14.49 -59.80
C THR B 325 2.47 -15.64 -59.86
N GLY B 326 1.38 -15.55 -59.12
CA GLY B 326 0.36 -16.57 -59.14
C GLY B 326 0.57 -17.72 -58.19
N GLN B 327 1.52 -17.62 -57.27
CA GLN B 327 1.77 -18.72 -56.35
C GLN B 327 0.70 -18.79 -55.27
N ILE B 328 0.34 -17.64 -54.69
CA ILE B 328 -0.78 -17.55 -53.78
C ILE B 328 -1.75 -16.49 -54.32
N THR B 329 -2.96 -16.49 -53.78
CA THR B 329 -4.02 -15.63 -54.26
C THR B 329 -4.08 -14.34 -53.44
N LEU B 330 -4.69 -13.31 -54.03
CA LEU B 330 -4.86 -12.04 -53.33
C LEU B 330 -5.73 -12.19 -52.10
N GLY B 331 -6.68 -13.12 -52.11
CA GLY B 331 -7.48 -13.35 -50.92
C GLY B 331 -6.79 -14.10 -49.82
N SER B 332 -5.65 -14.74 -50.12
CA SER B 332 -4.91 -15.51 -49.12
C SER B 332 -3.76 -14.69 -48.54
N ILE B 333 -3.42 -13.58 -49.18
CA ILE B 333 -2.51 -12.61 -48.56
C ILE B 333 -3.22 -11.61 -47.68
N GLN B 334 -4.46 -11.24 -47.99
CA GLN B 334 -5.31 -10.53 -47.04
C GLN B 334 -5.50 -11.32 -45.76
N ALA B 335 -5.82 -12.61 -45.87
CA ALA B 335 -5.91 -13.45 -44.70
C ALA B 335 -4.59 -13.48 -43.94
N PHE B 336 -3.48 -13.59 -44.66
CA PHE B 336 -2.18 -13.71 -44.01
C PHE B 336 -1.80 -12.44 -43.26
N ILE B 337 -2.12 -11.27 -43.83
CA ILE B 337 -1.91 -10.01 -43.12
C ILE B 337 -2.76 -9.92 -41.86
N GLN B 338 -3.97 -10.45 -41.89
CA GLN B 338 -4.80 -10.57 -40.68
C GLN B 338 -4.13 -11.42 -39.62
N TYR B 339 -3.44 -12.48 -40.02
CA TYR B 339 -2.77 -13.39 -39.11
C TYR B 339 -1.46 -12.83 -38.59
N VAL B 340 -0.76 -12.00 -39.37
CA VAL B 340 0.44 -11.34 -38.87
C VAL B 340 0.14 -10.46 -37.67
N ARG B 341 -0.99 -9.75 -37.67
CA ARG B 341 -1.39 -8.91 -36.56
C ARG B 341 -2.11 -9.68 -35.46
N GLN B 342 -2.46 -10.93 -35.70
CA GLN B 342 -3.13 -11.77 -34.73
C GLN B 342 -2.17 -12.75 -34.06
N PHE B 343 -1.01 -13.00 -34.66
CA PHE B 343 0.03 -13.86 -34.13
C PHE B 343 0.97 -13.15 -33.19
N ASN B 344 1.52 -12.01 -33.58
CA ASN B 344 2.50 -11.32 -32.75
C ASN B 344 1.82 -10.31 -31.83
N GLN B 345 0.49 -10.45 -31.72
CA GLN B 345 -0.24 -9.73 -30.68
C GLN B 345 -0.09 -10.48 -29.35
N PRO B 346 -0.27 -11.82 -29.30
CA PRO B 346 0.07 -12.54 -28.07
C PRO B 346 1.54 -12.90 -27.98
N LEU B 347 2.42 -11.97 -28.37
CA LEU B 347 3.86 -12.17 -28.26
C LEU B 347 4.50 -10.90 -27.71
N THR B 348 3.66 -9.96 -27.29
CA THR B 348 4.14 -8.77 -26.58
C THR B 348 3.55 -8.78 -25.17
N GLN B 349 3.12 -9.96 -24.73
CA GLN B 349 2.53 -10.12 -23.41
C GLN B 349 3.05 -11.37 -22.72
N VAL B 350 3.90 -12.15 -23.40
CA VAL B 350 4.36 -13.43 -22.89
C VAL B 350 5.26 -13.27 -21.66
N ALA B 351 6.01 -12.18 -21.58
CA ALA B 351 6.84 -11.93 -20.40
C ALA B 351 5.96 -11.78 -19.16
N GLY B 352 4.95 -10.92 -19.25
CA GLY B 352 4.03 -10.70 -18.15
C GLY B 352 3.21 -11.92 -17.80
N MET B 353 2.58 -12.54 -18.81
CA MET B 353 1.71 -13.69 -18.55
C MET B 353 2.50 -14.97 -18.34
N TYR B 354 3.81 -14.86 -18.14
CA TYR B 354 4.60 -15.96 -17.61
C TYR B 354 5.25 -15.65 -16.28
N ASN B 355 5.74 -14.42 -16.05
CA ASN B 355 6.26 -14.10 -14.72
C ASN B 355 5.13 -14.05 -13.71
N THR B 356 3.92 -13.72 -14.16
CA THR B 356 2.76 -13.74 -13.26
C THR B 356 2.40 -15.17 -12.88
N LEU B 357 2.42 -16.09 -13.83
CA LEU B 357 2.21 -17.50 -13.55
C LEU B 357 3.34 -18.11 -12.72
N GLN B 358 4.55 -17.57 -12.83
CA GLN B 358 5.67 -18.05 -12.01
C GLN B 358 5.47 -17.60 -10.57
N SER B 359 5.39 -16.28 -10.35
CA SER B 359 5.06 -15.76 -9.03
C SER B 359 3.55 -15.66 -8.85
N GLY B 360 2.85 -16.72 -9.22
CA GLY B 360 1.46 -16.91 -8.88
C GLY B 360 1.29 -18.35 -8.46
N ILE B 361 2.33 -19.13 -8.75
CA ILE B 361 2.41 -20.52 -8.36
C ILE B 361 3.51 -20.75 -7.34
N ALA B 362 4.48 -19.83 -7.27
CA ALA B 362 5.39 -19.79 -6.14
C ALA B 362 4.62 -19.40 -4.88
N SER B 363 3.85 -18.32 -4.95
CA SER B 363 2.97 -17.91 -3.85
C SER B 363 1.62 -18.61 -3.97
N ALA B 364 1.69 -19.91 -4.22
CA ALA B 364 0.51 -20.77 -4.20
C ALA B 364 0.90 -22.09 -3.55
N GLU B 365 2.16 -22.16 -3.12
CA GLU B 365 2.66 -23.23 -2.28
C GLU B 365 2.96 -22.79 -0.88
N ARG B 366 3.26 -21.50 -0.68
CA ARG B 366 3.30 -20.93 0.66
C ARG B 366 1.95 -21.13 1.36
N VAL B 367 0.86 -20.82 0.66
CA VAL B 367 -0.48 -20.91 1.21
C VAL B 367 -0.82 -22.36 1.52
N PHE B 368 -0.42 -23.28 0.64
CA PHE B 368 -0.66 -24.69 0.85
C PHE B 368 0.19 -25.30 1.94
N ASP B 369 1.36 -24.74 2.21
CA ASP B 369 2.13 -25.16 3.37
C ASP B 369 1.50 -24.63 4.65
N LEU B 370 0.98 -23.39 4.59
CA LEU B 370 0.16 -22.85 5.68
C LEU B 370 -1.08 -23.68 5.93
N LEU B 371 -1.70 -24.22 4.89
CA LEU B 371 -2.90 -25.04 5.04
C LEU B 371 -2.59 -26.48 5.41
N ASP B 372 -1.32 -26.85 5.45
CA ASP B 372 -0.92 -28.20 5.82
C ASP B 372 -0.12 -28.26 7.11
N THR B 373 0.27 -27.12 7.67
CA THR B 373 0.97 -27.14 8.94
C THR B 373 0.06 -27.64 10.04
N GLU B 374 0.65 -28.27 11.05
CA GLU B 374 -0.12 -29.02 12.04
C GLU B 374 -0.91 -28.07 12.93
N GLU B 375 -2.16 -28.44 13.20
CA GLU B 375 -3.06 -27.65 14.03
C GLU B 375 -2.87 -28.02 15.50
N GLU B 376 -3.68 -27.40 16.36
CA GLU B 376 -3.54 -27.60 17.79
C GLU B 376 -4.21 -28.90 18.22
N SER B 377 -4.29 -29.09 19.54
CA SER B 377 -4.37 -30.43 20.11
C SER B 377 -5.78 -30.95 20.39
N ALA B 378 -6.77 -30.54 19.61
CA ALA B 378 -8.07 -31.19 19.65
C ALA B 378 -8.69 -31.18 21.05
N ASP B 379 -9.11 -30.00 21.50
CA ASP B 379 -9.46 -29.76 22.90
C ASP B 379 -10.61 -30.61 23.40
N SER B 380 -10.91 -30.51 24.71
CA SER B 380 -11.88 -31.37 25.37
C SER B 380 -13.22 -30.66 25.46
N PRO B 381 -14.32 -31.37 25.70
CA PRO B 381 -15.62 -30.70 25.82
C PRO B 381 -16.01 -30.30 27.24
N ARG B 382 -15.07 -30.33 28.17
CA ARG B 382 -15.44 -30.33 29.59
C ARG B 382 -16.09 -29.03 30.06
N ARG B 383 -15.84 -27.91 29.36
CA ARG B 383 -16.46 -26.63 29.72
C ARG B 383 -16.15 -26.18 31.14
N ALA B 384 -14.90 -25.78 31.39
CA ALA B 384 -14.44 -25.38 32.72
C ALA B 384 -15.47 -24.55 33.49
N ASP B 385 -15.60 -24.87 34.76
CA ASP B 385 -16.48 -24.16 35.68
C ASP B 385 -15.65 -23.50 36.77
N VAL B 386 -15.87 -22.22 37.00
CA VAL B 386 -15.14 -21.43 37.99
C VAL B 386 -16.15 -20.59 38.76
N ARG B 387 -16.46 -20.98 39.99
CA ARG B 387 -17.29 -20.18 40.87
C ARG B 387 -16.50 -19.42 41.92
N THR B 388 -15.48 -20.04 42.51
CA THR B 388 -14.58 -19.37 43.45
C THR B 388 -13.28 -18.94 42.82
N GLY B 389 -12.52 -19.89 42.27
CA GLY B 389 -11.32 -19.57 41.51
C GLY B 389 -10.07 -19.68 42.35
N ARG B 390 -9.36 -20.79 42.24
CA ARG B 390 -8.18 -21.03 43.09
C ARG B 390 -7.10 -21.60 42.16
N VAL B 391 -6.29 -20.71 41.61
CA VAL B 391 -5.24 -21.09 40.69
C VAL B 391 -4.12 -21.75 41.49
N GLU B 392 -3.46 -22.73 40.89
CA GLU B 392 -2.37 -23.42 41.56
C GLU B 392 -1.47 -24.07 40.53
N PHE B 393 -0.18 -23.76 40.58
CA PHE B 393 0.77 -24.43 39.72
C PHE B 393 1.48 -25.51 40.51
N GLU B 394 1.87 -26.57 39.81
CA GLU B 394 2.46 -27.74 40.48
C GLU B 394 3.66 -28.18 39.64
N HIS B 395 4.82 -27.62 39.97
CA HIS B 395 6.10 -28.02 39.36
C HIS B 395 6.10 -27.80 37.86
N VAL B 396 5.52 -26.67 37.44
CA VAL B 396 5.54 -26.31 36.03
C VAL B 396 6.97 -26.16 35.53
N SER B 397 7.25 -26.74 34.38
CA SER B 397 8.61 -26.76 33.83
C SER B 397 8.60 -26.45 32.33
N PHE B 398 7.87 -25.42 31.93
CA PHE B 398 7.73 -25.10 30.51
C PHE B 398 9.07 -24.69 29.90
N SER B 399 9.19 -24.91 28.59
CA SER B 399 10.31 -24.45 27.78
C SER B 399 9.85 -24.22 26.36
N TYR B 400 10.25 -23.08 25.76
CA TYR B 400 9.84 -22.80 24.39
C TYR B 400 10.55 -23.70 23.41
N VAL B 401 11.87 -23.59 23.33
CA VAL B 401 12.69 -24.45 22.48
C VAL B 401 13.39 -25.44 23.39
N PRO B 402 13.41 -26.74 23.04
CA PRO B 402 13.98 -27.74 23.96
C PRO B 402 15.42 -27.45 24.36
N GLY B 403 15.76 -27.79 25.60
CA GLY B 403 17.11 -27.58 26.11
C GLY B 403 17.37 -26.22 26.73
N THR B 404 16.37 -25.34 26.76
CA THR B 404 16.51 -24.01 27.37
C THR B 404 15.32 -23.77 28.27
N PRO B 405 15.44 -24.11 29.55
CA PRO B 405 14.31 -23.90 30.48
C PRO B 405 13.93 -22.43 30.57
N VAL B 406 12.62 -22.19 30.61
CA VAL B 406 12.10 -20.83 30.74
C VAL B 406 11.35 -20.74 32.07
N ILE B 407 10.76 -21.86 32.49
CA ILE B 407 10.16 -22.01 33.81
C ILE B 407 10.68 -23.32 34.37
N GLU B 408 11.14 -23.29 35.62
CA GLU B 408 11.77 -24.46 36.23
C GLU B 408 11.21 -24.67 37.64
N ASP B 409 10.41 -25.72 37.80
CA ASP B 409 9.92 -26.16 39.11
C ASP B 409 9.21 -25.01 39.84
N LEU B 410 8.21 -24.43 39.19
CA LEU B 410 7.47 -23.32 39.78
C LEU B 410 6.17 -23.83 40.39
N SER B 411 5.80 -23.23 41.51
CA SER B 411 4.59 -23.64 42.22
C SER B 411 4.01 -22.49 43.03
N LEU B 412 2.81 -22.04 42.67
CA LEU B 412 2.13 -20.98 43.39
C LEU B 412 0.68 -21.37 43.68
N VAL B 413 0.04 -20.61 44.57
CA VAL B 413 -1.34 -20.88 44.97
C VAL B 413 -2.08 -19.55 45.12
N ALA B 414 -3.34 -19.52 44.73
CA ALA B 414 -4.10 -18.27 44.71
C ALA B 414 -4.97 -17.84 45.89
N GLU B 415 -5.55 -18.79 46.63
CA GLU B 415 -6.51 -18.40 47.70
C GLU B 415 -7.67 -17.65 47.04
N PRO B 416 -8.76 -18.33 46.64
CA PRO B 416 -9.86 -17.71 45.88
C PRO B 416 -10.07 -16.19 45.95
N GLY B 417 -10.06 -15.58 47.15
CA GLY B 417 -10.40 -14.17 47.22
C GLY B 417 -9.20 -13.26 47.39
N SER B 418 -8.16 -13.46 46.58
CA SER B 418 -6.87 -12.85 46.81
C SER B 418 -6.39 -12.08 45.58
N THR B 419 -5.19 -11.51 45.69
CA THR B 419 -4.55 -10.86 44.56
C THR B 419 -3.03 -11.05 44.72
N VAL B 420 -2.52 -12.10 44.10
CA VAL B 420 -1.09 -12.40 44.15
C VAL B 420 -0.38 -11.60 43.07
N ALA B 421 0.77 -11.03 43.40
CA ALA B 421 1.42 -10.03 42.56
C ALA B 421 2.81 -10.50 42.18
N ILE B 422 3.03 -10.77 40.91
CA ILE B 422 4.28 -11.33 40.42
C ILE B 422 5.19 -10.21 39.95
N VAL B 423 6.35 -10.08 40.59
CA VAL B 423 7.36 -9.10 40.22
C VAL B 423 8.65 -9.83 39.88
N GLY B 424 9.56 -9.10 39.24
CA GLY B 424 10.83 -9.65 38.85
C GLY B 424 11.44 -8.92 37.66
N PRO B 425 12.65 -9.32 37.28
CA PRO B 425 13.33 -8.67 36.14
C PRO B 425 12.65 -8.96 34.82
N THR B 426 13.22 -8.44 33.73
CA THR B 426 12.73 -8.73 32.39
C THR B 426 13.44 -9.97 31.88
N GLY B 427 12.66 -10.94 31.43
CA GLY B 427 13.18 -12.25 31.06
C GLY B 427 13.04 -13.29 32.14
N ALA B 428 12.48 -12.93 33.29
CA ALA B 428 12.32 -13.90 34.37
C ALA B 428 11.29 -14.97 34.01
N GLY B 429 10.43 -14.70 33.03
CA GLY B 429 9.41 -15.65 32.65
C GLY B 429 8.06 -15.29 33.26
N LYS B 430 7.78 -14.00 33.37
CA LYS B 430 6.52 -13.53 33.91
C LYS B 430 5.39 -13.60 32.90
N THR B 431 5.64 -13.15 31.67
CA THR B 431 4.66 -13.26 30.61
C THR B 431 4.45 -14.70 30.16
N THR B 432 5.52 -15.49 30.07
CA THR B 432 5.42 -16.90 29.78
C THR B 432 4.51 -17.63 30.75
N LEU B 433 4.49 -17.24 32.02
CA LEU B 433 3.61 -17.82 33.00
C LEU B 433 2.15 -17.55 32.69
N VAL B 434 1.84 -16.38 32.12
CA VAL B 434 0.50 -16.06 31.64
C VAL B 434 0.14 -16.82 30.38
N ASN B 435 1.09 -17.03 29.47
CA ASN B 435 0.88 -17.88 28.31
C ASN B 435 0.62 -19.33 28.71
N LEU B 436 1.04 -19.74 29.90
CA LEU B 436 0.71 -21.05 30.44
C LEU B 436 -0.61 -21.10 31.16
N LEU B 437 -0.97 -20.05 31.89
CA LEU B 437 -2.28 -20.01 32.52
C LEU B 437 -3.40 -19.94 31.49
N MET B 438 -3.21 -19.16 30.44
CA MET B 438 -4.18 -19.06 29.36
C MET B 438 -4.12 -20.23 28.40
N ARG B 439 -3.17 -21.14 28.58
CA ARG B 439 -3.06 -22.34 27.76
C ARG B 439 -2.77 -21.99 26.31
N PHE B 440 -2.10 -20.85 26.11
CA PHE B 440 -1.47 -20.55 24.83
C PHE B 440 -0.37 -21.54 24.50
N TYR B 441 0.32 -22.04 25.51
CA TYR B 441 1.37 -23.03 25.36
C TYR B 441 1.12 -24.14 26.37
N ASP B 442 1.52 -25.36 26.01
CA ASP B 442 1.29 -26.52 26.86
C ASP B 442 2.42 -26.67 27.88
N VAL B 443 2.03 -26.94 29.12
CA VAL B 443 3.00 -27.10 30.20
C VAL B 443 3.78 -28.40 30.01
N ASP B 444 5.05 -28.39 30.41
CA ASP B 444 5.88 -29.57 30.37
C ASP B 444 6.12 -30.11 31.78
N SER B 445 5.69 -31.34 32.00
CA SER B 445 5.96 -32.05 33.26
C SER B 445 5.52 -31.27 34.50
N GLY B 446 4.23 -31.02 34.62
CA GLY B 446 3.71 -30.35 35.80
C GLY B 446 2.25 -29.98 35.65
N ARG B 447 1.51 -29.88 36.75
CA ARG B 447 0.10 -29.59 36.66
C ARG B 447 -0.17 -28.10 36.81
N ILE B 448 -1.32 -27.67 36.29
CA ILE B 448 -1.78 -26.31 36.43
C ILE B 448 -3.29 -26.31 36.58
N THR B 449 -3.78 -26.10 37.81
CA THR B 449 -5.17 -26.33 38.14
C THR B 449 -5.85 -25.03 38.53
N ILE B 450 -6.99 -24.74 37.91
CA ILE B 450 -7.84 -23.64 38.31
C ILE B 450 -9.05 -24.19 39.02
N ASP B 451 -9.18 -23.85 40.31
CA ASP B 451 -10.29 -24.24 41.16
C ASP B 451 -10.39 -25.74 41.35
N GLY B 452 -9.30 -26.48 41.11
CA GLY B 452 -9.31 -27.91 41.36
C GLY B 452 -9.10 -28.77 40.12
N VAL B 453 -9.66 -28.34 39.00
CA VAL B 453 -9.60 -29.11 37.77
C VAL B 453 -8.37 -28.70 36.98
N ASP B 454 -7.65 -29.67 36.45
CA ASP B 454 -6.54 -29.39 35.55
C ASP B 454 -7.06 -28.70 34.30
N ILE B 455 -6.46 -27.55 33.96
CA ILE B 455 -6.87 -26.82 32.78
C ILE B 455 -6.51 -27.55 31.50
N ALA B 456 -5.64 -28.56 31.59
CA ALA B 456 -5.29 -29.34 30.41
C ALA B 456 -6.40 -30.27 29.95
N SER B 457 -7.41 -30.51 30.79
CA SER B 457 -8.61 -31.24 30.39
C SER B 457 -9.78 -30.29 30.59
N VAL B 458 -9.96 -29.40 29.61
CA VAL B 458 -10.95 -28.32 29.62
C VAL B 458 -11.07 -27.77 28.20
N SER B 459 -12.28 -27.42 27.79
CA SER B 459 -12.44 -26.68 26.54
C SER B 459 -11.81 -25.31 26.69
N ARG B 460 -10.85 -25.02 25.79
CA ARG B 460 -10.14 -23.75 25.87
C ARG B 460 -11.10 -22.57 25.74
N GLU B 461 -12.14 -22.72 24.92
CA GLU B 461 -13.12 -21.65 24.76
C GLU B 461 -13.78 -21.27 26.08
N SER B 462 -13.97 -22.24 26.99
CA SER B 462 -14.58 -21.96 28.28
C SER B 462 -13.58 -21.56 29.35
N LEU B 463 -12.32 -22.00 29.25
CA LEU B 463 -11.29 -21.55 30.17
C LEU B 463 -10.95 -20.08 29.91
N ARG B 464 -10.67 -19.76 28.65
CA ARG B 464 -10.25 -18.41 28.30
C ARG B 464 -11.33 -17.38 28.62
N ALA B 465 -12.59 -17.80 28.65
CA ALA B 465 -13.69 -16.88 28.94
C ALA B 465 -14.01 -16.80 30.43
N SER B 466 -13.60 -17.79 31.21
CA SER B 466 -13.70 -17.74 32.66
C SER B 466 -12.48 -17.07 33.27
N ILE B 467 -11.59 -16.53 32.44
CA ILE B 467 -10.40 -15.81 32.85
C ILE B 467 -10.49 -14.50 32.08
N GLY B 468 -9.46 -13.67 32.17
CA GLY B 468 -9.41 -12.48 31.37
C GLY B 468 -8.11 -11.75 31.63
N MET B 469 -7.47 -11.34 30.56
CA MET B 469 -6.09 -10.87 30.62
C MET B 469 -5.97 -9.53 29.93
N VAL B 470 -5.00 -8.75 30.38
CA VAL B 470 -4.56 -7.58 29.64
C VAL B 470 -3.03 -7.60 29.60
N LEU B 471 -2.49 -7.74 28.41
CA LEU B 471 -1.05 -7.85 28.21
C LEU B 471 -0.43 -6.45 28.10
N GLN B 472 0.90 -6.41 28.21
CA GLN B 472 1.60 -5.12 28.16
C GLN B 472 1.43 -4.44 26.81
N ASP B 473 1.44 -5.19 25.72
CA ASP B 473 1.18 -4.65 24.39
C ASP B 473 -0.31 -4.79 24.08
N THR B 474 -0.85 -3.80 23.39
CA THR B 474 -2.29 -3.66 23.21
C THR B 474 -2.71 -3.95 21.79
N TRP B 475 -3.84 -4.60 21.63
CA TRP B 475 -4.47 -4.82 20.34
C TRP B 475 -5.76 -4.02 20.27
N LEU B 476 -5.89 -3.22 19.23
CA LEU B 476 -7.12 -2.52 18.92
C LEU B 476 -7.41 -2.69 17.45
N PHE B 477 -8.60 -3.17 17.13
CA PHE B 477 -8.96 -3.37 15.72
C PHE B 477 -9.57 -2.11 15.14
N ALA B 478 -9.80 -2.14 13.84
CA ALA B 478 -10.24 -0.96 13.10
C ALA B 478 -11.69 -0.63 13.43
N GLY B 479 -11.88 0.27 14.38
CA GLY B 479 -13.22 0.69 14.75
C GLY B 479 -13.16 1.81 15.75
N THR B 480 -14.31 2.09 16.35
CA THR B 480 -14.39 3.15 17.35
C THR B 480 -13.93 2.63 18.70
N ILE B 481 -13.74 3.55 19.64
CA ILE B 481 -13.39 3.15 21.01
C ILE B 481 -14.53 2.35 21.62
N TYR B 482 -15.77 2.72 21.31
CA TYR B 482 -16.91 1.99 21.83
C TYR B 482 -16.90 0.54 21.36
N ASP B 483 -16.60 0.31 20.09
CA ASP B 483 -16.53 -1.07 19.59
C ASP B 483 -15.37 -1.83 20.21
N ASN B 484 -14.21 -1.19 20.34
CA ASN B 484 -13.06 -1.85 20.94
C ASN B 484 -13.26 -2.15 22.41
N ILE B 485 -14.17 -1.44 23.08
CA ILE B 485 -14.46 -1.81 24.47
C ILE B 485 -15.57 -2.85 24.53
N ALA B 486 -16.61 -2.71 23.72
CA ALA B 486 -17.71 -3.66 23.70
C ALA B 486 -17.33 -5.00 23.09
N TYR B 487 -16.14 -5.09 22.51
CA TYR B 487 -15.61 -6.35 22.05
C TYR B 487 -15.41 -7.36 23.17
N GLY B 488 -15.30 -6.89 24.42
CA GLY B 488 -15.17 -7.80 25.53
C GLY B 488 -16.46 -8.50 25.92
N ARG B 489 -17.60 -7.89 25.60
CA ARG B 489 -18.91 -8.49 25.84
C ARG B 489 -19.93 -7.82 24.94
N PRO B 490 -20.13 -8.34 23.71
CA PRO B 490 -20.95 -7.61 22.74
C PRO B 490 -22.39 -7.40 23.17
N ASP B 491 -23.00 -8.37 23.84
CA ASP B 491 -24.38 -8.24 24.30
C ASP B 491 -24.45 -7.42 25.59
N ALA B 492 -23.99 -6.17 25.48
CA ALA B 492 -23.97 -5.25 26.60
C ALA B 492 -24.49 -3.90 26.11
N ASP B 493 -25.47 -3.35 26.82
CA ASP B 493 -26.02 -2.05 26.43
C ASP B 493 -24.99 -0.94 26.66
N GLU B 494 -25.32 0.24 26.15
CA GLU B 494 -24.41 1.38 26.17
C GLU B 494 -24.02 1.77 27.59
N ASP B 495 -24.91 1.57 28.56
CA ASP B 495 -24.60 1.96 29.92
C ASP B 495 -23.59 1.03 30.58
N GLU B 496 -23.71 -0.27 30.38
CA GLU B 496 -22.76 -1.22 30.93
C GLU B 496 -21.39 -1.14 30.26
N VAL B 497 -21.31 -0.59 29.05
CA VAL B 497 -20.01 -0.37 28.42
C VAL B 497 -19.32 0.88 28.95
N ILE B 498 -20.08 1.95 29.19
CA ILE B 498 -19.52 3.16 29.79
C ILE B 498 -19.21 2.97 31.27
N GLU B 499 -19.89 2.04 31.94
CA GLU B 499 -19.53 1.69 33.31
C GLU B 499 -18.16 1.04 33.42
N ALA B 500 -17.82 0.13 32.51
CA ALA B 500 -16.50 -0.47 32.46
C ALA B 500 -15.47 0.48 31.88
N ALA B 501 -15.90 1.42 31.04
CA ALA B 501 -15.05 2.48 30.53
C ALA B 501 -14.73 3.53 31.58
N THR B 502 -15.49 3.55 32.69
CA THR B 502 -15.23 4.48 33.77
C THR B 502 -14.33 3.88 34.85
N ALA B 503 -14.47 2.59 35.12
CA ALA B 503 -13.59 1.93 36.09
C ALA B 503 -12.17 1.82 35.57
N ALA B 504 -11.97 1.80 34.25
CA ALA B 504 -10.65 1.75 33.64
C ALA B 504 -10.11 3.14 33.33
N TYR B 505 -10.84 4.19 33.72
CA TYR B 505 -10.41 5.57 33.54
C TYR B 505 -10.22 5.93 32.08
N VAL B 506 -11.03 5.35 31.18
CA VAL B 506 -11.01 5.80 29.79
C VAL B 506 -12.08 6.82 29.53
N ASP B 507 -13.10 6.91 30.40
CA ASP B 507 -14.08 7.97 30.31
C ASP B 507 -13.49 9.32 30.63
N ARG B 508 -12.33 9.34 31.29
CA ARG B 508 -11.67 10.60 31.64
C ARG B 508 -11.10 11.28 30.41
N PHE B 509 -10.35 10.54 29.58
CA PHE B 509 -9.71 11.14 28.42
C PHE B 509 -10.53 11.04 27.15
N VAL B 510 -11.74 10.50 27.21
CA VAL B 510 -12.54 10.33 26.00
C VAL B 510 -13.46 11.50 25.75
N HIS B 511 -13.71 12.33 26.76
CA HIS B 511 -14.49 13.56 26.60
C HIS B 511 -13.58 14.72 26.21
N THR B 512 -12.30 14.44 26.02
CA THR B 512 -11.37 15.48 25.60
C THR B 512 -10.99 15.20 24.15
N LEU B 513 -11.56 14.15 23.59
CA LEU B 513 -11.42 13.82 22.18
C LEU B 513 -12.51 14.51 21.38
N PRO B 514 -12.25 14.84 20.11
CA PRO B 514 -13.27 15.54 19.32
C PRO B 514 -14.60 14.82 19.25
N ASN B 515 -14.59 13.53 18.96
CA ASN B 515 -15.79 12.70 19.00
C ASN B 515 -15.52 11.45 19.82
N GLY B 516 -15.70 11.56 21.13
CA GLY B 516 -15.38 10.46 22.01
C GLY B 516 -16.34 9.30 21.86
N TYR B 517 -15.79 8.09 22.00
CA TYR B 517 -16.52 6.83 21.90
C TYR B 517 -16.90 6.53 20.45
N ASP B 518 -16.65 7.49 19.56
CA ASP B 518 -16.83 7.29 18.13
C ASP B 518 -15.57 7.64 17.35
N THR B 519 -14.56 8.17 18.02
CA THR B 519 -13.27 8.41 17.42
C THR B 519 -12.66 7.07 17.04
N ARG B 520 -12.37 6.90 15.76
CA ARG B 520 -11.85 5.63 15.30
C ARG B 520 -10.39 5.46 15.72
N VAL B 521 -10.06 4.24 16.13
CA VAL B 521 -8.72 3.94 16.59
C VAL B 521 -7.71 3.87 15.44
N ASP B 522 -8.16 3.49 14.24
CA ASP B 522 -7.32 3.47 13.06
C ASP B 522 -7.28 4.81 12.34
N ASP B 523 -8.17 5.74 12.70
CA ASP B 523 -8.28 6.99 11.97
C ASP B 523 -8.40 8.17 12.94
N ASP B 524 -7.56 8.19 13.98
CA ASP B 524 -7.51 9.34 14.86
C ASP B 524 -6.37 10.26 14.43
N GLY B 525 -6.11 11.31 15.22
CA GLY B 525 -5.05 12.23 14.90
C GLY B 525 -3.90 12.12 15.86
N GLY B 526 -3.53 10.88 16.20
CA GLY B 526 -2.63 10.69 17.32
C GLY B 526 -3.29 11.02 18.63
N ALA B 527 -4.62 11.06 18.66
CA ALA B 527 -5.36 11.47 19.84
C ALA B 527 -5.19 10.48 20.98
N ILE B 528 -5.05 9.20 20.67
CA ILE B 528 -5.00 8.15 21.69
C ILE B 528 -3.54 7.86 21.97
N SER B 529 -3.11 8.14 23.21
CA SER B 529 -1.75 7.90 23.63
C SER B 529 -1.46 6.40 23.67
N ALA B 530 -0.22 6.06 23.97
CA ALA B 530 0.16 4.67 24.14
C ALA B 530 -0.30 4.09 25.46
N GLY B 531 -0.33 4.90 26.51
CA GLY B 531 -0.93 4.51 27.77
C GLY B 531 -2.43 4.59 27.78
N GLU B 532 -3.03 5.28 26.83
CA GLU B 532 -4.47 5.32 26.70
C GLU B 532 -5.03 4.16 25.89
N LYS B 533 -4.23 3.58 24.99
CA LYS B 533 -4.59 2.32 24.38
C LYS B 533 -4.53 1.16 25.36
N GLN B 534 -3.75 1.28 26.43
CA GLN B 534 -3.74 0.31 27.51
C GLN B 534 -4.95 0.43 28.40
N LEU B 535 -5.51 1.62 28.55
CA LEU B 535 -6.72 1.82 29.33
C LEU B 535 -7.96 1.33 28.60
N ILE B 536 -8.08 1.58 27.30
CA ILE B 536 -9.13 1.00 26.49
C ILE B 536 -9.07 -0.52 26.51
N THR B 537 -7.88 -1.11 26.63
CA THR B 537 -7.70 -2.54 26.71
C THR B 537 -8.02 -3.11 28.09
N ILE B 538 -7.80 -2.33 29.15
CA ILE B 538 -8.25 -2.74 30.48
C ILE B 538 -9.77 -2.65 30.60
N ALA B 539 -10.41 -1.65 30.01
CA ALA B 539 -11.86 -1.58 30.01
C ALA B 539 -12.48 -2.74 29.25
N ARG B 540 -11.83 -3.21 28.18
CA ARG B 540 -12.36 -4.33 27.41
C ARG B 540 -12.37 -5.61 28.22
N ALA B 541 -11.40 -5.80 29.11
CA ALA B 541 -11.32 -7.02 29.90
C ALA B 541 -12.17 -6.98 31.16
N VAL B 542 -12.49 -5.79 31.68
CA VAL B 542 -13.35 -5.67 32.84
C VAL B 542 -14.83 -5.66 32.46
N LEU B 543 -15.14 -5.49 31.18
CA LEU B 543 -16.51 -5.55 30.71
C LEU B 543 -17.07 -6.96 30.69
N ALA B 544 -16.23 -7.97 30.56
CA ALA B 544 -16.66 -9.36 30.49
C ALA B 544 -16.89 -9.99 31.86
N ARG B 545 -16.71 -9.22 32.93
CA ARG B 545 -16.71 -9.74 34.30
C ARG B 545 -15.91 -11.04 34.42
N PRO B 546 -14.60 -10.98 34.25
CA PRO B 546 -13.80 -12.18 34.48
C PRO B 546 -13.74 -12.52 35.96
N LYS B 547 -13.72 -13.81 36.25
CA LYS B 547 -13.53 -14.27 37.62
C LYS B 547 -12.05 -14.34 38.00
N LEU B 548 -11.20 -14.75 37.07
CA LEU B 548 -9.75 -14.68 37.21
C LEU B 548 -9.24 -13.57 36.30
N LEU B 549 -8.66 -12.54 36.90
CA LEU B 549 -8.16 -11.39 36.16
C LEU B 549 -6.64 -11.36 36.25
N VAL B 550 -5.96 -11.29 35.10
CA VAL B 550 -4.50 -11.18 35.08
C VAL B 550 -4.12 -9.91 34.33
N LEU B 551 -3.37 -9.05 35.00
CA LEU B 551 -2.92 -7.76 34.50
C LEU B 551 -1.42 -7.89 34.27
N ASP B 552 -1.02 -8.31 33.07
CA ASP B 552 0.39 -8.52 32.75
C ASP B 552 0.98 -7.22 32.21
N GLU B 553 1.35 -6.34 33.15
CA GLU B 553 2.03 -5.08 32.85
C GLU B 553 1.27 -4.25 31.82
N ALA B 554 -0.05 -4.38 31.83
CA ALA B 554 -0.89 -3.60 30.93
C ALA B 554 -1.16 -2.20 31.43
N THR B 555 -0.39 -1.74 32.41
CA THR B 555 -0.61 -0.44 33.02
C THR B 555 0.74 0.26 33.14
N SER B 556 1.66 -0.09 32.25
CA SER B 556 3.05 0.34 32.31
C SER B 556 3.33 1.63 31.56
N SER B 557 2.48 2.01 30.61
CA SER B 557 2.63 3.25 29.88
C SER B 557 1.73 4.35 30.41
N VAL B 558 1.16 4.18 31.60
CA VAL B 558 0.27 5.16 32.16
C VAL B 558 0.91 5.75 33.42
N ASP B 559 0.21 6.69 34.04
CA ASP B 559 0.57 7.21 35.34
C ASP B 559 0.73 6.08 36.34
N THR B 560 1.62 6.26 37.31
CA THR B 560 1.78 5.28 38.36
C THR B 560 0.71 5.48 39.43
N ARG B 561 -0.10 6.53 39.27
CA ARG B 561 -1.22 6.79 40.15
C ARG B 561 -2.56 6.41 39.56
N THR B 562 -2.69 6.40 38.24
CA THR B 562 -3.82 5.72 37.60
C THR B 562 -3.66 4.21 37.74
N GLU B 563 -2.42 3.73 37.71
CA GLU B 563 -2.16 2.31 37.91
C GLU B 563 -2.56 1.85 39.31
N LEU B 564 -2.22 2.63 40.34
CA LEU B 564 -2.58 2.26 41.70
C LEU B 564 -4.07 2.32 41.95
N LEU B 565 -4.82 3.11 41.17
CA LEU B 565 -6.27 3.13 41.27
C LEU B 565 -6.94 1.99 40.50
N ILE B 566 -6.47 1.70 39.30
CA ILE B 566 -6.96 0.54 38.57
C ILE B 566 -6.72 -0.73 39.37
N ALA B 567 -5.47 -1.01 39.72
CA ALA B 567 -5.18 -2.20 40.51
C ALA B 567 -5.32 -1.86 41.99
N HIS B 568 -6.38 -1.12 42.29
CA HIS B 568 -6.97 -1.07 43.61
C HIS B 568 -8.41 -1.50 43.44
N ALA B 569 -9.13 -0.77 42.59
CA ALA B 569 -10.57 -0.96 42.43
C ALA B 569 -10.88 -2.28 41.75
N MET B 570 -10.03 -2.73 40.84
CA MET B 570 -10.27 -3.93 40.06
C MET B 570 -9.67 -5.18 40.68
N ALA B 571 -8.78 -5.04 41.67
CA ALA B 571 -8.07 -6.21 42.16
C ALA B 571 -8.16 -6.38 43.67
N GLU B 572 -8.08 -5.29 44.43
CA GLU B 572 -7.94 -5.41 45.88
C GLU B 572 -9.24 -5.15 46.61
N LEU B 573 -10.16 -4.39 46.01
CA LEU B 573 -11.49 -4.19 46.56
C LEU B 573 -12.51 -5.08 45.86
N ARG B 574 -12.05 -6.14 45.22
CA ARG B 574 -12.93 -7.16 44.66
C ARG B 574 -12.71 -8.44 45.45
N ARG B 575 -13.45 -8.58 46.54
CA ARG B 575 -13.43 -9.77 47.38
C ARG B 575 -13.83 -11.03 46.62
N ASP B 576 -14.47 -10.88 45.46
CA ASP B 576 -15.00 -12.01 44.69
C ASP B 576 -14.25 -12.13 43.36
N ARG B 577 -12.93 -11.95 43.42
CA ARG B 577 -12.11 -12.04 42.22
C ARG B 577 -10.65 -12.35 42.55
N THR B 578 -10.14 -13.46 42.05
CA THR B 578 -8.72 -13.75 42.10
C THR B 578 -8.01 -13.09 40.92
N SER B 579 -6.86 -12.49 41.19
CA SER B 579 -6.23 -11.66 40.18
C SER B 579 -4.72 -11.70 40.35
N PHE B 580 -4.03 -11.91 39.23
CA PHE B 580 -2.59 -11.76 39.15
C PHE B 580 -2.28 -10.35 38.64
N ILE B 581 -1.27 -9.72 39.24
CA ILE B 581 -0.81 -8.42 38.79
C ILE B 581 0.69 -8.50 38.57
N ILE B 582 1.11 -8.63 37.32
CA ILE B 582 2.51 -8.63 36.96
C ILE B 582 2.89 -7.20 36.66
N ALA B 583 3.70 -6.60 37.52
CA ALA B 583 4.03 -5.19 37.42
C ALA B 583 5.53 -4.98 37.50
N HIS B 584 5.99 -3.93 36.82
CA HIS B 584 7.38 -3.51 36.88
C HIS B 584 7.61 -2.46 37.95
N ARG B 585 6.77 -1.43 38.01
CA ARG B 585 6.81 -0.46 39.09
C ARG B 585 6.23 -1.12 40.33
N LEU B 586 7.09 -1.66 41.19
CA LEU B 586 6.64 -2.45 42.33
C LEU B 586 6.33 -1.59 43.55
N SER B 587 6.11 -0.29 43.35
CA SER B 587 5.58 0.56 44.40
C SER B 587 4.06 0.55 44.42
N THR B 588 3.42 0.12 43.33
CA THR B 588 2.00 -0.16 43.32
C THR B 588 1.69 -1.59 43.75
N ILE B 589 2.72 -2.42 43.89
CA ILE B 589 2.55 -3.81 44.32
C ILE B 589 2.54 -3.96 45.84
N ARG B 590 3.19 -3.05 46.57
CA ARG B 590 3.12 -3.12 48.02
C ARG B 590 1.66 -3.07 48.48
N ASP B 591 1.44 -3.64 49.66
CA ASP B 591 0.13 -3.77 50.32
C ASP B 591 -0.81 -4.61 49.47
N ALA B 592 -0.20 -5.42 48.61
CA ALA B 592 -0.91 -6.34 47.73
C ALA B 592 -0.52 -7.74 48.18
N ASP B 593 -1.41 -8.41 48.93
CA ASP B 593 -1.16 -9.73 49.61
C ASP B 593 -0.74 -10.91 48.86
N LEU B 594 0.52 -11.35 49.08
CA LEU B 594 1.37 -12.36 48.45
C LEU B 594 2.04 -11.88 47.16
N ILE B 595 3.08 -11.08 47.34
CA ILE B 595 4.04 -10.77 46.29
C ILE B 595 4.90 -12.00 46.04
N LEU B 596 5.00 -12.40 44.77
CA LEU B 596 5.88 -13.47 44.32
C LEU B 596 7.02 -12.86 43.51
N VAL B 597 8.25 -13.06 43.97
CA VAL B 597 9.43 -12.49 43.31
C VAL B 597 10.07 -13.59 42.48
N MET B 598 10.05 -13.44 41.16
CA MET B 598 10.65 -14.41 40.27
C MET B 598 12.05 -13.96 39.84
N ASP B 599 12.80 -14.91 39.29
CA ASP B 599 14.09 -14.62 38.67
C ASP B 599 14.48 -15.82 37.82
N SER B 600 14.95 -15.54 36.60
CA SER B 600 15.50 -16.54 35.68
C SER B 600 14.70 -17.84 35.65
N GLY B 601 13.38 -17.75 35.72
CA GLY B 601 12.49 -18.88 35.52
C GLY B 601 11.78 -19.36 36.77
N ARG B 602 12.30 -19.04 37.95
CA ARG B 602 11.71 -19.62 39.15
C ARG B 602 11.50 -18.55 40.20
N ILE B 603 10.63 -18.87 41.16
CA ILE B 603 10.28 -17.96 42.25
C ILE B 603 11.35 -18.05 43.33
N ILE B 604 12.09 -16.95 43.51
CA ILE B 604 13.17 -16.94 44.49
C ILE B 604 12.62 -16.83 45.90
N GLU B 605 11.70 -15.89 46.11
CA GLU B 605 11.17 -15.62 47.45
C GLU B 605 9.74 -15.09 47.33
N ARG B 606 8.96 -15.30 48.38
CA ARG B 606 7.55 -14.94 48.35
C ARG B 606 7.09 -14.53 49.74
N GLY B 607 5.92 -13.89 49.76
CA GLY B 607 5.33 -13.43 51.00
C GLY B 607 4.56 -12.14 50.76
N THR B 608 4.05 -11.57 51.83
CA THR B 608 3.38 -10.28 51.78
C THR B 608 4.46 -9.19 51.73
N HIS B 609 4.03 -7.93 51.81
CA HIS B 609 5.01 -6.85 51.71
C HIS B 609 5.91 -6.79 52.93
N GLU B 610 5.35 -6.84 54.14
CA GLU B 610 6.16 -6.71 55.33
C GLU B 610 7.03 -7.94 55.58
N GLU B 611 6.45 -9.13 55.43
CA GLU B 611 7.23 -10.36 55.57
C GLU B 611 8.39 -10.42 54.60
N LEU B 612 8.15 -10.11 53.33
CA LEU B 612 9.17 -10.21 52.31
C LEU B 612 10.15 -9.04 52.38
N LEU B 613 9.74 -7.93 53.01
CA LEU B 613 10.59 -6.76 53.13
C LEU B 613 11.54 -6.89 54.30
N ALA B 614 11.05 -7.36 55.44
CA ALA B 614 11.89 -7.51 56.63
C ALA B 614 12.48 -8.92 56.70
N ARG B 615 13.04 -9.35 55.57
CA ARG B 615 13.82 -10.58 55.54
C ARG B 615 15.05 -10.40 54.65
N HIS B 616 15.26 -9.18 54.17
CA HIS B 616 16.45 -8.80 53.40
C HIS B 616 16.76 -9.77 52.28
N GLY B 617 15.85 -9.90 51.31
CA GLY B 617 16.10 -10.73 50.15
C GLY B 617 16.23 -9.93 48.87
N ARG B 618 15.78 -10.49 47.76
CA ARG B 618 15.77 -9.74 46.50
C ARG B 618 14.76 -8.60 46.51
N TYR B 619 13.61 -8.79 47.14
CA TYR B 619 12.61 -7.73 47.24
C TYR B 619 13.09 -6.55 48.06
N TRP B 620 13.85 -6.80 49.13
CA TRP B 620 14.40 -5.70 49.92
C TRP B 620 15.32 -4.83 49.08
N GLU B 621 16.20 -5.46 48.29
CA GLU B 621 17.13 -4.72 47.45
C GLU B 621 16.54 -4.33 46.11
N MET B 622 15.28 -4.65 45.84
CA MET B 622 14.55 -4.09 44.71
C MET B 622 13.67 -2.91 45.12
N THR B 623 13.21 -2.85 46.36
CA THR B 623 12.48 -1.70 46.88
C THR B 623 13.41 -0.56 47.26
N ARG B 624 14.70 -0.69 46.94
CA ARG B 624 15.69 0.32 47.31
C ARG B 624 16.62 0.61 46.14
N VAL B 625 16.07 0.62 44.92
CA VAL B 625 16.81 1.01 43.74
C VAL B 625 16.21 2.30 43.20
N HIS B 626 14.91 2.48 43.42
CA HIS B 626 14.23 3.73 43.15
C HIS B 626 14.33 4.70 44.32
N LEU B 627 14.90 4.26 45.45
CA LEU B 627 15.10 5.08 46.63
C LEU B 627 16.57 4.96 47.05
N GLY B 628 17.46 5.04 46.07
CA GLY B 628 18.89 4.92 46.34
C GLY B 628 19.33 3.49 46.56
PG ATP C . 1.36 11.60 29.43
O1G ATP C . 1.64 11.84 30.89
O2G ATP C . 2.42 12.12 28.51
O3G ATP C . 0.90 10.21 29.08
PB ATP C . 0.16 14.10 28.96
O1B ATP C . 1.17 14.43 27.91
O2B ATP C . 0.25 14.69 30.33
O3B ATP C . 0.07 12.51 29.12
PA ATP C . -1.57 15.22 27.01
O1A ATP C . -0.96 14.48 25.87
O2A ATP C . -1.24 16.68 27.23
O3A ATP C . -1.31 14.42 28.38
O5' ATP C . -3.16 15.08 26.90
C5' ATP C . -3.88 15.72 25.86
C4' ATP C . -5.26 15.11 25.74
O4' ATP C . -5.81 15.49 24.48
C3' ATP C . -5.19 13.60 25.77
O3' ATP C . -6.09 13.08 26.74
C2' ATP C . -5.61 13.13 24.39
O2' ATP C . -6.68 12.19 24.51
C1' ATP C . -6.07 14.37 23.65
N9 ATP C . -5.28 14.52 22.40
C8 ATP C . -3.94 14.46 22.31
N7 ATP C . -3.53 14.64 21.03
C5 ATP C . -4.63 14.83 20.28
C6 ATP C . -4.91 15.06 18.85
N6 ATP C . -3.91 15.16 17.95
N1 ATP C . -6.21 15.19 18.48
C2 ATP C . -7.21 15.10 19.38
N3 ATP C . -7.02 14.88 20.69
C4 ATP C . -5.78 14.74 21.19
MG MG D . 2.72 13.80 26.59
PB ADP E . 9.00 -11.24 30.96
O1B ADP E . 7.68 -10.84 30.34
O2B ADP E . 9.09 -11.04 32.44
O3B ADP E . 10.21 -10.76 30.20
PA ADP E . 9.07 -13.59 29.40
O1A ADP E . 9.25 -12.58 28.30
O2A ADP E . 7.91 -14.54 29.35
O3A ADP E . 9.08 -12.83 30.83
O5' ADP E . 10.41 -14.44 29.52
C5' ADP E . 10.53 -15.69 28.83
C4' ADP E . 11.95 -15.86 28.34
O4' ADP E . 11.89 -16.76 27.24
C3' ADP E . 12.52 -14.55 27.82
O3' ADP E . 13.86 -14.39 28.29
C2' ADP E . 12.51 -14.65 26.31
O2' ADP E . 13.80 -14.32 25.81
C1' ADP E . 12.17 -16.10 26.01
N9 ADP E . 10.96 -16.14 25.16
C8 ADP E . 9.82 -15.46 25.40
N7 ADP E . 8.89 -15.71 24.45
C5 ADP E . 9.43 -16.57 23.58
C6 ADP E . 8.99 -17.25 22.33
N6 ADP E . 7.76 -17.05 21.83
N1 ADP E . 9.88 -18.07 21.73
C2 ADP E . 11.12 -18.28 22.22
N3 ADP E . 11.58 -17.70 23.34
C4 ADP E . 10.80 -16.84 24.05
MG MG F . 6.34 -9.32 29.77
#